data_4PTN
#
_entry.id   4PTN
#
_cell.length_a   141.200
_cell.length_b   155.070
_cell.length_c   55.400
_cell.angle_alpha   90.00
_cell.angle_beta   90.00
_cell.angle_gamma   90.00
#
_symmetry.space_group_name_H-M   'P 21 21 2'
#
loop_
_entity.id
_entity.type
_entity.pdbx_description
1 polymer 'Probable 2-keto-3-deoxy-galactonate aldolase YagE'
2 non-polymer 1,2-ETHANEDIOL
3 non-polymer L-glyceraldehyde
4 non-polymer 'MAGNESIUM ION'
5 non-polymer GLYCEROL
6 non-polymer 'PYRUVIC ACID'
7 water water
#
_entity_poly.entity_id   1
_entity_poly.type   'polypeptide(L)'
_entity_poly.pdbx_seq_one_letter_code
;MGSSHHHHHHSAGENLYFQGQQGDLMPQSALFTGIIPPVSTIFTADGQLDKPGTAALIDDLIKAGVDGLFFLGSGGEFSQ
LGAEERKAIARFAIDHVDRRVPVLIGTGGTNARETIELSQHAQQAGADGIVVINPYYWKVSEANLIRYFEQVADSVTLPV
MLYNFPALTGQDLTPALVKTLADSRSNIIGIKDTIDSVAHLRSMIHTVKGAHPHFTVLCGYDDHLFNTLLLGGDGAISAS
GNFAPQVSVNLLKAWRDGDVAKAAGYHQTLLQIPQMYQLDTPFVNVIKEAIVLCGRPVSTHVLPPASPLDEPRKAQLKTL
LQQLKLCCGRTRAPPPPPLRSGC
;
_entity_poly.pdbx_strand_id   A,B,C,D
#
# COMPACT_ATOMS: atom_id res chain seq x y z
N ALA A 30 -14.70 -11.07 31.30
CA ALA A 30 -13.98 -11.16 29.98
C ALA A 30 -13.59 -12.60 29.69
N LEU A 31 -13.88 -13.06 28.50
CA LEU A 31 -13.68 -14.45 28.10
C LEU A 31 -12.38 -14.56 27.27
N PHE A 32 -11.75 -15.71 27.40
CA PHE A 32 -10.59 -16.04 26.60
C PHE A 32 -9.46 -15.02 26.78
N THR A 33 -9.18 -14.66 28.02
CA THR A 33 -8.06 -13.80 28.33
C THR A 33 -6.80 -14.59 28.64
N GLY A 34 -5.68 -13.89 28.67
CA GLY A 34 -4.42 -14.50 29.03
C GLY A 34 -3.64 -15.07 27.85
N ILE A 35 -2.95 -16.20 28.06
CA ILE A 35 -2.08 -16.75 26.99
C ILE A 35 -2.81 -17.93 26.33
N ILE A 36 -3.17 -17.80 25.06
CA ILE A 36 -3.85 -18.80 24.31
C ILE A 36 -3.12 -19.10 22.99
N PRO A 37 -2.26 -20.14 22.98
CA PRO A 37 -1.50 -20.39 21.78
C PRO A 37 -2.37 -20.77 20.58
N PRO A 38 -1.96 -20.28 19.37
CA PRO A 38 -2.46 -20.81 18.13
C PRO A 38 -1.68 -22.08 17.91
N VAL A 39 -2.26 -23.17 18.40
CA VAL A 39 -1.56 -24.44 18.41
C VAL A 39 -1.25 -24.97 17.00
N SER A 40 -0.04 -25.46 16.78
CA SER A 40 0.32 -26.04 15.51
C SER A 40 -0.44 -27.38 15.34
N THR A 41 -0.87 -27.70 14.14
CA THR A 41 -1.44 -28.96 13.85
C THR A 41 -0.28 -29.87 13.39
N ILE A 42 -0.13 -31.04 14.03
CA ILE A 42 0.97 -31.97 13.66
C ILE A 42 0.42 -32.99 12.67
N PHE A 43 1.13 -33.15 11.54
CA PHE A 43 0.79 -34.08 10.51
C PHE A 43 1.85 -35.16 10.28
N THR A 44 1.37 -36.31 9.82
CA THR A 44 2.27 -37.31 9.23
C THR A 44 2.72 -36.86 7.83
N ALA A 45 3.65 -37.59 7.23
CA ALA A 45 4.20 -37.25 5.96
C ALA A 45 3.16 -37.22 4.86
N ASP A 46 2.08 -37.93 4.98
CA ASP A 46 1.06 -37.90 3.97
C ASP A 46 0.08 -36.75 4.18
N GLY A 47 0.37 -35.89 5.13
CA GLY A 47 -0.52 -34.76 5.36
C GLY A 47 -1.79 -35.02 6.20
N GLN A 48 -1.85 -36.13 6.93
CA GLN A 48 -2.99 -36.45 7.76
C GLN A 48 -2.60 -36.09 9.18
N LEU A 49 -3.60 -35.77 9.96
CA LEU A 49 -3.46 -35.51 11.36
C LEU A 49 -2.64 -36.58 12.12
N ASP A 50 -1.62 -36.12 12.83
CA ASP A 50 -0.73 -36.96 13.67
C ASP A 50 -1.27 -36.83 15.07
N LYS A 51 -2.10 -37.80 15.47
CA LYS A 51 -2.79 -37.68 16.77
C LYS A 51 -1.87 -37.76 17.99
N PRO A 52 -0.99 -38.78 18.06
CA PRO A 52 -0.05 -38.75 19.18
C PRO A 52 0.80 -37.46 19.26
N GLY A 53 1.28 -36.95 18.15
CA GLY A 53 2.10 -35.73 18.25
C GLY A 53 1.28 -34.50 18.64
N THR A 54 0.10 -34.36 18.05
CA THR A 54 -0.74 -33.22 18.37
C THR A 54 -1.14 -33.29 19.80
N ALA A 55 -1.50 -34.49 20.26
CA ALA A 55 -1.87 -34.64 21.68
C ALA A 55 -0.75 -34.29 22.62
N ALA A 56 0.48 -34.67 22.26
CA ALA A 56 1.61 -34.43 23.15
C ALA A 56 1.86 -32.92 23.25
N LEU A 57 1.71 -32.23 22.12
CA LEU A 57 1.85 -30.78 22.08
C LEU A 57 0.80 -30.14 22.95
N ILE A 58 -0.43 -30.56 22.77
CA ILE A 58 -1.51 -30.05 23.60
C ILE A 58 -1.19 -30.24 25.09
N ASP A 59 -0.76 -31.46 25.46
CA ASP A 59 -0.48 -31.70 26.88
C ASP A 59 0.70 -30.84 27.39
N ASP A 60 1.74 -30.68 26.58
CA ASP A 60 2.86 -29.79 26.95
C ASP A 60 2.34 -28.37 27.25
N LEU A 61 1.49 -27.85 26.38
CA LEU A 61 1.00 -26.48 26.57
C LEU A 61 0.14 -26.35 27.80
N ILE A 62 -0.77 -27.31 28.01
CA ILE A 62 -1.61 -27.29 29.24
C ILE A 62 -0.73 -27.33 30.47
N LYS A 63 0.23 -28.24 30.46
CA LYS A 63 1.15 -28.38 31.58
C LYS A 63 1.93 -27.10 31.76
N ALA A 64 2.21 -26.34 30.69
CA ALA A 64 2.92 -25.05 30.83
C ALA A 64 2.09 -23.92 31.41
N GLY A 65 0.80 -24.13 31.61
CA GLY A 65 -0.03 -23.16 32.32
C GLY A 65 -0.75 -22.16 31.42
N VAL A 66 -0.96 -22.49 30.16
CA VAL A 66 -1.69 -21.58 29.26
C VAL A 66 -3.13 -21.45 29.72
N ASP A 67 -3.80 -20.39 29.29
CA ASP A 67 -5.15 -20.09 29.66
C ASP A 67 -6.17 -20.62 28.74
N GLY A 68 -5.72 -21.21 27.65
CA GLY A 68 -6.66 -21.67 26.61
C GLY A 68 -5.87 -22.16 25.43
N LEU A 69 -6.57 -22.75 24.47
CA LEU A 69 -5.96 -23.24 23.27
C LEU A 69 -6.81 -22.93 22.07
N PHE A 70 -6.12 -22.48 21.02
CA PHE A 70 -6.76 -22.08 19.77
C PHE A 70 -6.25 -22.97 18.65
N PHE A 71 -7.15 -23.77 18.10
CA PHE A 71 -6.84 -24.66 16.96
C PHE A 71 -7.36 -24.08 15.65
N LEU A 72 -6.63 -24.38 14.60
CA LEU A 72 -6.95 -23.97 13.25
C LEU A 72 -6.95 -22.43 13.10
N GLY A 73 -6.03 -21.77 13.79
CA GLY A 73 -5.61 -20.45 13.38
C GLY A 73 -4.67 -20.49 12.18
N SER A 74 -4.10 -19.33 11.86
CA SER A 74 -3.16 -19.24 10.73
C SER A 74 -2.04 -20.25 10.91
N GLY A 75 -1.45 -20.23 12.10
CA GLY A 75 -0.33 -21.16 12.39
C GLY A 75 -0.73 -22.62 12.46
N GLY A 76 -2.04 -22.86 12.65
CA GLY A 76 -2.65 -24.20 12.64
C GLY A 76 -2.96 -24.71 11.24
N GLU A 77 -2.64 -23.88 10.22
CA GLU A 77 -2.76 -24.21 8.79
C GLU A 77 -4.17 -24.36 8.25
N PHE A 78 -5.14 -23.59 8.79
CA PHE A 78 -6.55 -23.73 8.44
C PHE A 78 -6.72 -23.58 6.96
N SER A 79 -5.98 -22.62 6.38
CA SER A 79 -6.18 -22.26 4.99
C SER A 79 -5.59 -23.28 3.98
N GLN A 80 -4.83 -24.26 4.49
CA GLN A 80 -4.35 -25.35 3.63
C GLN A 80 -5.07 -26.67 3.86
N LEU A 81 -6.12 -26.63 4.65
CA LEU A 81 -6.94 -27.84 5.06
C LEU A 81 -8.32 -27.75 4.45
N GLY A 82 -8.88 -28.92 4.11
CA GLY A 82 -10.24 -28.99 3.58
C GLY A 82 -11.20 -29.00 4.75
N ALA A 83 -12.45 -28.70 4.46
CA ALA A 83 -13.49 -28.57 5.51
C ALA A 83 -13.66 -29.85 6.35
N GLU A 84 -13.69 -31.00 5.70
CA GLU A 84 -13.76 -32.28 6.44
C GLU A 84 -12.55 -32.54 7.31
N GLU A 85 -11.37 -32.23 6.79
CA GLU A 85 -10.18 -32.28 7.59
C GLU A 85 -10.24 -31.38 8.80
N ARG A 86 -10.70 -30.15 8.60
CA ARG A 86 -10.81 -29.18 9.72
C ARG A 86 -11.77 -29.72 10.78
N LYS A 87 -12.86 -30.32 10.32
CA LYS A 87 -13.82 -30.87 11.32
C LYS A 87 -13.18 -32.02 12.14
N ALA A 88 -12.49 -32.92 11.45
CA ALA A 88 -11.79 -34.00 12.19
C ALA A 88 -10.75 -33.48 13.19
N ILE A 89 -10.00 -32.46 12.79
CA ILE A 89 -8.98 -31.91 13.66
C ILE A 89 -9.57 -31.24 14.86
N ALA A 90 -10.61 -30.44 14.65
CA ALA A 90 -11.27 -29.78 15.73
C ALA A 90 -11.81 -30.83 16.77
N ARG A 91 -12.45 -31.83 16.24
CA ARG A 91 -13.12 -32.86 17.13
C ARG A 91 -12.04 -33.51 17.97
N PHE A 92 -10.96 -33.91 17.31
CA PHE A 92 -9.86 -34.53 18.00
C PHE A 92 -9.33 -33.63 19.09
N ALA A 93 -9.07 -32.38 18.73
CA ALA A 93 -8.42 -31.48 19.66
C ALA A 93 -9.28 -31.18 20.87
N ILE A 94 -10.54 -30.94 20.60
CA ILE A 94 -11.48 -30.64 21.66
C ILE A 94 -11.54 -31.84 22.63
N ASP A 95 -11.66 -33.00 22.04
CA ASP A 95 -11.80 -34.21 22.82
C ASP A 95 -10.54 -34.46 23.63
N HIS A 96 -9.35 -34.27 23.02
CA HIS A 96 -8.15 -34.46 23.78
C HIS A 96 -8.04 -33.50 24.91
N VAL A 97 -8.36 -32.23 24.67
CA VAL A 97 -8.25 -31.25 25.75
C VAL A 97 -9.19 -31.62 26.91
N ASP A 98 -10.35 -32.16 26.58
CA ASP A 98 -11.27 -32.71 27.62
C ASP A 98 -11.57 -31.69 28.68
N ARG A 99 -11.88 -30.46 28.24
CA ARG A 99 -12.21 -29.38 29.12
C ARG A 99 -11.16 -28.96 30.14
N ARG A 100 -9.92 -29.37 29.98
CA ARG A 100 -8.88 -28.89 30.92
C ARG A 100 -8.59 -27.37 30.83
N VAL A 101 -8.76 -26.82 29.64
CA VAL A 101 -8.70 -25.34 29.44
C VAL A 101 -9.71 -24.99 28.35
N PRO A 102 -10.16 -23.74 28.31
CA PRO A 102 -11.02 -23.33 27.20
C PRO A 102 -10.42 -23.60 25.76
N VAL A 103 -11.28 -24.00 24.84
CA VAL A 103 -10.88 -24.30 23.50
C VAL A 103 -11.60 -23.40 22.49
N LEU A 104 -10.79 -22.78 21.63
CA LEU A 104 -11.23 -21.96 20.50
C LEU A 104 -10.93 -22.69 19.20
N ILE A 105 -11.89 -22.71 18.29
CA ILE A 105 -11.68 -23.25 16.97
C ILE A 105 -11.80 -22.14 15.94
N GLY A 106 -10.81 -22.09 15.04
CA GLY A 106 -10.87 -21.19 13.90
C GLY A 106 -11.73 -21.73 12.80
N THR A 107 -12.80 -21.01 12.44
CA THR A 107 -13.77 -21.56 11.52
C THR A 107 -13.92 -20.78 10.21
N GLY A 108 -13.04 -19.82 10.01
CA GLY A 108 -13.20 -18.87 8.91
C GLY A 108 -12.59 -19.34 7.63
N GLY A 109 -12.74 -18.47 6.61
CA GLY A 109 -12.37 -18.73 5.25
C GLY A 109 -13.05 -17.69 4.37
N THR A 110 -13.22 -18.06 3.11
CA THR A 110 -13.96 -17.23 2.12
C THR A 110 -15.36 -17.70 1.86
N ASN A 111 -15.55 -19.00 2.04
CA ASN A 111 -16.87 -19.67 1.82
C ASN A 111 -17.72 -19.53 3.09
N ALA A 112 -18.62 -18.57 3.06
CA ALA A 112 -19.36 -18.23 4.24
C ALA A 112 -20.29 -19.34 4.69
N ARG A 113 -20.83 -20.09 3.75
CA ARG A 113 -21.68 -21.23 4.12
C ARG A 113 -20.85 -22.24 4.88
N GLU A 114 -19.61 -22.37 4.46
CA GLU A 114 -18.69 -23.26 5.16
C GLU A 114 -18.28 -22.74 6.50
N THR A 115 -18.16 -21.42 6.61
CA THR A 115 -17.92 -20.89 7.93
C THR A 115 -19.02 -21.30 8.92
N ILE A 116 -20.25 -21.14 8.50
CA ILE A 116 -21.37 -21.46 9.36
C ILE A 116 -21.37 -22.95 9.69
N GLU A 117 -21.16 -23.76 8.68
CA GLU A 117 -21.08 -25.22 8.92
C GLU A 117 -19.97 -25.60 9.91
N LEU A 118 -18.75 -25.08 9.72
CA LEU A 118 -17.64 -25.35 10.59
C LEU A 118 -17.88 -24.78 12.01
N SER A 119 -18.58 -23.65 12.11
CA SER A 119 -18.87 -23.05 13.39
C SER A 119 -19.92 -23.89 14.18
N GLN A 120 -20.97 -24.29 13.49
CA GLN A 120 -21.99 -25.13 14.14
C GLN A 120 -21.41 -26.50 14.52
N HIS A 121 -20.55 -27.05 13.63
CA HIS A 121 -19.77 -28.25 13.96
C HIS A 121 -18.92 -28.08 15.21
N ALA A 122 -18.24 -26.94 15.32
CA ALA A 122 -17.44 -26.66 16.49
C ALA A 122 -18.28 -26.63 17.78
N GLN A 123 -19.40 -25.96 17.68
CA GLN A 123 -20.26 -25.89 18.85
C GLN A 123 -20.71 -27.32 19.19
N GLN A 124 -21.23 -28.05 18.21
CA GLN A 124 -21.66 -29.47 18.49
C GLN A 124 -20.53 -30.36 19.05
N ALA A 125 -19.30 -30.12 18.61
CA ALA A 125 -18.18 -30.91 19.04
C ALA A 125 -17.69 -30.50 20.40
N GLY A 126 -18.24 -29.46 21.00
CA GLY A 126 -17.84 -29.15 22.35
C GLY A 126 -16.84 -28.01 22.49
N ALA A 127 -16.62 -27.24 21.42
CA ALA A 127 -15.75 -26.03 21.54
C ALA A 127 -16.32 -24.97 22.50
N ASP A 128 -15.47 -24.19 23.14
CA ASP A 128 -15.93 -23.10 23.98
C ASP A 128 -16.13 -21.80 23.22
N GLY A 129 -15.45 -21.64 22.09
CA GLY A 129 -15.72 -20.45 21.26
C GLY A 129 -15.13 -20.68 19.87
N ILE A 130 -15.43 -19.76 18.97
CA ILE A 130 -14.96 -19.78 17.61
C ILE A 130 -14.21 -18.47 17.32
N VAL A 131 -13.28 -18.58 16.36
CA VAL A 131 -12.45 -17.43 15.98
C VAL A 131 -12.63 -17.26 14.47
N VAL A 132 -13.12 -16.12 14.05
CA VAL A 132 -13.54 -15.92 12.67
C VAL A 132 -12.84 -14.70 12.04
N ILE A 133 -12.04 -14.97 11.02
CA ILE A 133 -11.39 -13.93 10.20
C ILE A 133 -12.34 -13.37 9.18
N ASN A 134 -12.02 -12.15 8.69
CA ASN A 134 -12.83 -11.60 7.60
C ASN A 134 -12.44 -12.29 6.30
N PRO A 135 -13.38 -12.35 5.34
CA PRO A 135 -13.08 -13.07 4.10
C PRO A 135 -11.92 -12.37 3.44
N TYR A 136 -11.01 -13.13 2.84
CA TYR A 136 -9.72 -12.60 2.46
C TYR A 136 -9.44 -12.75 0.98
N TYR A 137 -10.43 -13.15 0.18
CA TYR A 137 -10.25 -13.07 -1.27
C TYR A 137 -10.84 -11.67 -1.66
N TRP A 138 -12.12 -11.63 -1.97
CA TRP A 138 -12.82 -10.36 -2.06
C TRP A 138 -12.69 -9.67 -0.71
N LYS A 139 -12.42 -8.37 -0.74
CA LYS A 139 -12.46 -7.53 0.44
C LYS A 139 -13.88 -6.93 0.36
N VAL A 140 -14.81 -7.54 1.08
CA VAL A 140 -16.22 -7.24 0.81
C VAL A 140 -16.57 -5.89 1.42
N SER A 141 -17.63 -5.30 0.90
CA SER A 141 -18.10 -3.97 1.32
C SER A 141 -18.37 -4.02 2.80
N GLU A 142 -18.34 -2.86 3.42
CA GLU A 142 -18.57 -2.80 4.83
C GLU A 142 -19.94 -3.37 5.20
N ALA A 143 -20.95 -3.14 4.36
CA ALA A 143 -22.32 -3.68 4.65
C ALA A 143 -22.30 -5.21 4.62
N ASN A 144 -21.61 -5.75 3.60
CA ASN A 144 -21.47 -7.21 3.49
C ASN A 144 -20.64 -7.83 4.60
N LEU A 145 -19.66 -7.07 5.07
CA LEU A 145 -18.75 -7.55 6.09
C LEU A 145 -19.45 -7.64 7.43
N ILE A 146 -20.16 -6.56 7.74
CA ILE A 146 -21.00 -6.56 8.95
C ILE A 146 -22.05 -7.68 8.92
N ARG A 147 -22.76 -7.80 7.80
CA ARG A 147 -23.76 -8.83 7.66
CA ARG A 147 -23.77 -8.84 7.64
C ARG A 147 -23.13 -10.21 7.83
N TYR A 148 -21.98 -10.43 7.21
CA TYR A 148 -21.27 -11.73 7.39
C TYR A 148 -21.01 -12.11 8.82
N PHE A 149 -20.36 -11.20 9.55
CA PHE A 149 -20.08 -11.45 10.94
C PHE A 149 -21.39 -11.63 11.77
N GLU A 150 -22.41 -10.82 11.49
CA GLU A 150 -23.66 -10.97 12.23
C GLU A 150 -24.25 -12.37 11.95
N GLN A 151 -24.24 -12.81 10.70
CA GLN A 151 -24.80 -14.14 10.35
C GLN A 151 -24.01 -15.26 11.02
N VAL A 152 -22.69 -15.14 11.02
CA VAL A 152 -21.90 -16.17 11.61
C VAL A 152 -22.20 -16.19 13.13
N ALA A 153 -22.21 -15.02 13.74
CA ALA A 153 -22.52 -14.93 15.20
C ALA A 153 -23.91 -15.49 15.54
N ASP A 154 -24.85 -15.25 14.68
CA ASP A 154 -26.23 -15.75 14.89
C ASP A 154 -26.37 -17.22 14.64
N SER A 155 -25.35 -17.88 14.07
CA SER A 155 -25.48 -19.30 13.72
C SER A 155 -25.15 -20.17 14.87
N VAL A 156 -24.58 -19.62 15.93
CA VAL A 156 -24.15 -20.39 17.03
C VAL A 156 -24.59 -19.68 18.27
N THR A 157 -24.69 -20.40 19.38
CA THR A 157 -24.80 -19.72 20.68
C THR A 157 -23.48 -19.65 21.41
N LEU A 158 -22.38 -19.92 20.77
CA LEU A 158 -21.05 -19.74 21.37
C LEU A 158 -20.54 -18.31 21.33
N PRO A 159 -19.59 -17.97 22.19
CA PRO A 159 -18.83 -16.74 22.00
C PRO A 159 -18.01 -16.74 20.73
N VAL A 160 -17.95 -15.57 20.08
CA VAL A 160 -17.22 -15.38 18.86
C VAL A 160 -16.10 -14.34 19.03
N MET A 161 -14.89 -14.74 18.66
CA MET A 161 -13.72 -13.89 18.64
C MET A 161 -13.45 -13.56 17.20
N LEU A 162 -13.28 -12.29 16.91
CA LEU A 162 -12.91 -11.82 15.60
C LEU A 162 -11.40 -12.05 15.43
N TYR A 163 -10.99 -12.15 14.18
CA TYR A 163 -9.55 -12.35 13.83
C TYR A 163 -9.17 -11.29 12.82
N ASN A 164 -8.25 -10.37 13.20
CA ASN A 164 -7.76 -9.38 12.29
C ASN A 164 -6.34 -9.73 11.94
N PHE A 165 -6.05 -9.86 10.65
CA PHE A 165 -4.69 -10.16 10.14
C PHE A 165 -4.50 -9.44 8.81
N PRO A 166 -4.43 -8.08 8.83
CA PRO A 166 -4.53 -7.34 7.58
C PRO A 166 -3.40 -7.55 6.60
N ALA A 167 -2.22 -7.87 7.10
CA ALA A 167 -1.10 -8.23 6.20
C ALA A 167 -1.51 -9.37 5.27
N LEU A 168 -2.31 -10.32 5.78
CA LEU A 168 -2.76 -11.42 4.92
C LEU A 168 -4.10 -11.19 4.25
N THR A 169 -5.04 -10.55 4.96
CA THR A 169 -6.40 -10.41 4.45
C THR A 169 -6.52 -9.28 3.47
N GLY A 170 -5.64 -8.27 3.59
CA GLY A 170 -5.76 -7.06 2.77
C GLY A 170 -6.94 -6.19 3.14
N GLN A 171 -7.50 -6.41 4.29
CA GLN A 171 -8.63 -5.60 4.73
C GLN A 171 -8.64 -5.53 6.26
N ASP A 172 -8.39 -4.33 6.78
CA ASP A 172 -8.27 -4.16 8.22
C ASP A 172 -9.64 -4.18 8.90
N LEU A 173 -9.74 -4.86 10.04
CA LEU A 173 -10.88 -4.69 10.91
C LEU A 173 -10.52 -3.52 11.82
N THR A 174 -11.04 -2.35 11.53
CA THR A 174 -10.63 -1.15 12.21
C THR A 174 -11.30 -1.17 13.60
N PRO A 175 -10.72 -0.42 14.55
CA PRO A 175 -11.40 -0.34 15.87
C PRO A 175 -12.85 0.13 15.76
N ALA A 176 -13.12 1.06 14.83
CA ALA A 176 -14.51 1.53 14.65
C ALA A 176 -15.41 0.38 14.22
N LEU A 177 -14.98 -0.39 13.23
CA LEU A 177 -15.78 -1.51 12.71
C LEU A 177 -16.01 -2.61 13.79
N VAL A 178 -14.96 -2.92 14.54
CA VAL A 178 -15.04 -3.90 15.58
C VAL A 178 -16.02 -3.40 16.64
N LYS A 179 -15.95 -2.12 16.97
CA LYS A 179 -16.94 -1.58 17.88
C LYS A 179 -18.38 -1.74 17.41
N THR A 180 -18.60 -1.43 16.14
CA THR A 180 -19.91 -1.59 15.54
C THR A 180 -20.36 -3.06 15.68
N LEU A 181 -19.43 -4.01 15.43
CA LEU A 181 -19.78 -5.45 15.56
C LEU A 181 -20.12 -5.78 17.00
N ALA A 182 -19.30 -5.31 17.95
CA ALA A 182 -19.59 -5.60 19.36
C ALA A 182 -20.93 -4.95 19.84
N ASP A 183 -21.25 -3.80 19.27
CA ASP A 183 -22.50 -3.08 19.55
C ASP A 183 -23.67 -3.87 18.99
N SER A 184 -23.44 -4.55 17.89
CA SER A 184 -24.52 -5.25 17.22
C SER A 184 -24.85 -6.60 17.81
N ARG A 185 -23.84 -7.36 18.20
CA ARG A 185 -24.09 -8.73 18.70
C ARG A 185 -23.39 -9.01 20.00
N SER A 186 -24.14 -9.51 21.01
CA SER A 186 -23.55 -9.66 22.34
C SER A 186 -22.67 -10.86 22.46
N ASN A 187 -22.71 -11.78 21.50
CA ASN A 187 -21.73 -12.87 21.50
C ASN A 187 -20.45 -12.57 20.71
N ILE A 188 -20.31 -11.37 20.14
CA ILE A 188 -19.03 -11.02 19.52
C ILE A 188 -18.25 -10.38 20.64
N ILE A 189 -17.31 -11.13 21.19
CA ILE A 189 -16.77 -10.76 22.50
C ILE A 189 -15.29 -10.56 22.60
N GLY A 190 -14.63 -10.57 21.46
CA GLY A 190 -13.18 -10.29 21.49
C GLY A 190 -12.56 -10.28 20.11
N ILE A 191 -11.23 -10.07 20.11
CA ILE A 191 -10.46 -10.05 18.87
C ILE A 191 -9.03 -10.48 19.05
N LYS A 192 -8.52 -11.19 18.06
CA LYS A 192 -7.06 -11.47 17.90
C LYS A 192 -6.55 -10.45 16.87
N ASP A 193 -5.85 -9.44 17.37
CA ASP A 193 -5.48 -8.31 16.55
C ASP A 193 -4.03 -8.54 16.15
N THR A 194 -3.86 -9.05 14.95
CA THR A 194 -2.60 -9.59 14.46
C THR A 194 -1.98 -8.56 13.54
N ILE A 195 -1.23 -7.67 14.16
CA ILE A 195 -0.66 -6.53 13.47
C ILE A 195 0.54 -6.01 14.28
N ASP A 196 1.58 -5.58 13.57
CA ASP A 196 2.72 -5.03 14.26
C ASP A 196 2.48 -3.48 14.33
N SER A 197 1.62 -3.10 15.26
CA SER A 197 1.18 -1.71 15.42
C SER A 197 0.69 -1.44 16.82
N VAL A 198 1.47 -0.69 17.58
CA VAL A 198 1.05 -0.27 18.89
C VAL A 198 -0.20 0.60 18.78
N ALA A 199 -0.27 1.46 17.75
CA ALA A 199 -1.42 2.37 17.57
C ALA A 199 -2.70 1.56 17.38
N HIS A 200 -2.63 0.51 16.58
CA HIS A 200 -3.80 -0.28 16.30
C HIS A 200 -4.32 -0.97 17.57
N LEU A 201 -3.41 -1.54 18.36
CA LEU A 201 -3.80 -2.18 19.60
C LEU A 201 -4.37 -1.15 20.59
N ARG A 202 -3.71 -0.01 20.69
CA ARG A 202 -4.16 1.03 21.61
C ARG A 202 -5.59 1.47 21.25
N SER A 203 -5.81 1.75 19.99
CA SER A 203 -7.06 2.27 19.53
C SER A 203 -8.14 1.18 19.63
N MET A 204 -7.77 -0.08 19.40
CA MET A 204 -8.69 -1.20 19.54
C MET A 204 -9.19 -1.25 20.99
N ILE A 205 -8.23 -1.15 21.91
CA ILE A 205 -8.54 -1.16 23.33
C ILE A 205 -9.37 0.05 23.75
N HIS A 206 -8.95 1.25 23.40
CA HIS A 206 -9.73 2.48 23.75
C HIS A 206 -11.12 2.52 23.13
N THR A 207 -11.23 2.25 21.83
CA THR A 207 -12.50 2.35 21.14
C THR A 207 -13.40 1.21 21.53
N VAL A 208 -12.95 -0.04 21.50
CA VAL A 208 -13.87 -1.15 21.74
C VAL A 208 -14.05 -1.38 23.25
N LYS A 209 -12.95 -1.48 24.00
CA LYS A 209 -13.09 -1.76 25.45
C LYS A 209 -13.66 -0.60 26.20
N GLY A 210 -13.43 0.61 25.70
CA GLY A 210 -14.10 1.80 26.21
C GLY A 210 -15.60 1.66 26.14
N ALA A 211 -16.13 1.10 25.07
CA ALA A 211 -17.58 0.90 25.00
C ALA A 211 -18.00 -0.42 25.67
N HIS A 212 -17.12 -1.40 25.71
CA HIS A 212 -17.47 -2.78 26.13
C HIS A 212 -16.32 -3.25 26.98
N PRO A 213 -16.33 -2.92 28.26
CA PRO A 213 -15.15 -3.16 29.12
C PRO A 213 -14.76 -4.60 29.22
N HIS A 214 -15.68 -5.51 28.95
CA HIS A 214 -15.33 -6.92 29.05
C HIS A 214 -15.03 -7.59 27.69
N PHE A 215 -14.97 -6.78 26.61
CA PHE A 215 -14.52 -7.27 25.29
C PHE A 215 -13.03 -7.60 25.38
N THR A 216 -12.65 -8.75 24.88
CA THR A 216 -11.27 -9.23 25.04
C THR A 216 -10.36 -8.82 23.85
N VAL A 217 -9.26 -8.13 24.15
CA VAL A 217 -8.30 -7.78 23.12
C VAL A 217 -6.99 -8.59 23.34
N LEU A 218 -6.70 -9.46 22.37
CA LEU A 218 -5.48 -10.27 22.39
C LEU A 218 -4.64 -9.89 21.18
N CYS A 219 -3.34 -9.63 21.37
CA CYS A 219 -2.49 -9.34 20.21
C CYS A 219 -2.11 -10.66 19.58
N GLY A 220 -1.75 -10.62 18.30
CA GLY A 220 -1.39 -11.84 17.61
C GLY A 220 0.11 -12.05 17.48
N TYR A 221 0.90 -11.07 17.92
CA TYR A 221 2.33 -11.16 17.85
C TYR A 221 2.98 -11.16 19.22
N ASP A 222 4.03 -11.96 19.34
CA ASP A 222 4.76 -12.19 20.58
C ASP A 222 5.28 -10.91 21.18
N ASP A 223 5.82 -10.07 20.32
CA ASP A 223 6.50 -8.88 20.78
C ASP A 223 5.57 -7.75 21.17
N HIS A 224 4.26 -7.99 21.12
CA HIS A 224 3.27 -6.98 21.57
C HIS A 224 2.49 -7.35 22.85
N LEU A 225 2.79 -8.53 23.40
CA LEU A 225 2.09 -8.99 24.65
C LEU A 225 2.24 -7.99 25.76
N PHE A 226 3.47 -7.58 26.06
CA PHE A 226 3.70 -6.69 27.20
C PHE A 226 2.96 -5.38 27.00
N ASN A 227 3.06 -4.81 25.82
CA ASN A 227 2.42 -3.55 25.56
C ASN A 227 0.93 -3.69 25.58
N THR A 228 0.43 -4.81 25.11
CA THR A 228 -0.98 -5.08 25.13
C THR A 228 -1.50 -5.04 26.57
N LEU A 229 -0.80 -5.69 27.48
CA LEU A 229 -1.19 -5.70 28.88
C LEU A 229 -1.11 -4.29 29.48
N LEU A 230 -0.02 -3.58 29.22
CA LEU A 230 0.12 -2.22 29.73
C LEU A 230 -0.94 -1.24 29.20
N LEU A 231 -1.43 -1.51 28.01
CA LEU A 231 -2.46 -0.64 27.36
C LEU A 231 -3.87 -0.94 27.90
N GLY A 232 -4.02 -1.95 28.73
CA GLY A 232 -5.38 -2.34 29.17
C GLY A 232 -6.02 -3.51 28.41
N GLY A 233 -5.23 -4.18 27.54
CA GLY A 233 -5.69 -5.34 26.83
C GLY A 233 -5.49 -6.62 27.67
N ASP A 234 -5.67 -7.79 27.03
CA ASP A 234 -5.97 -9.03 27.78
C ASP A 234 -5.04 -10.18 27.63
N GLY A 235 -4.09 -10.09 26.69
CA GLY A 235 -3.23 -11.24 26.42
C GLY A 235 -2.79 -11.35 24.99
N ALA A 236 -2.43 -12.58 24.63
CA ALA A 236 -1.87 -12.90 23.32
C ALA A 236 -2.20 -14.31 22.84
N ILE A 237 -2.45 -14.37 21.54
CA ILE A 237 -2.48 -15.58 20.78
C ILE A 237 -1.31 -15.46 19.83
N SER A 238 -0.14 -16.02 20.19
CA SER A 238 1.07 -15.83 19.35
C SER A 238 1.86 -17.10 19.21
N ALA A 239 2.56 -17.22 18.07
CA ALA A 239 3.15 -18.49 17.66
C ALA A 239 4.14 -19.13 18.70
N SER A 240 4.86 -18.28 19.43
CA SER A 240 5.88 -18.75 20.42
C SER A 240 5.23 -19.45 21.62
N GLY A 241 3.92 -19.29 21.75
CA GLY A 241 3.14 -20.18 22.58
C GLY A 241 3.38 -21.65 22.35
N ASN A 242 3.66 -22.05 21.12
CA ASN A 242 3.91 -23.45 20.81
C ASN A 242 5.21 -24.03 21.35
N PHE A 243 6.29 -23.26 21.36
CA PHE A 243 7.59 -23.79 21.67
C PHE A 243 8.24 -23.18 22.89
N ALA A 244 7.71 -22.04 23.32
CA ALA A 244 8.19 -21.39 24.54
C ALA A 244 7.02 -20.77 25.32
N PRO A 245 6.00 -21.58 25.59
CA PRO A 245 4.83 -21.00 26.29
C PRO A 245 5.17 -20.37 27.61
N GLN A 246 6.18 -20.94 28.29
CA GLN A 246 6.57 -20.49 29.63
C GLN A 246 6.93 -19.02 29.66
N VAL A 247 7.49 -18.52 28.56
CA VAL A 247 7.89 -17.11 28.52
C VAL A 247 6.66 -16.24 28.64
N SER A 248 5.62 -16.52 27.86
CA SER A 248 4.38 -15.71 27.88
C SER A 248 3.57 -15.96 29.15
N VAL A 249 3.48 -17.24 29.55
CA VAL A 249 2.79 -17.57 30.80
C VAL A 249 3.44 -16.87 32.02
N ASN A 250 4.76 -16.88 32.09
CA ASN A 250 5.47 -16.21 33.20
C ASN A 250 5.38 -14.70 33.14
N LEU A 251 5.43 -14.15 31.93
CA LEU A 251 5.19 -12.72 31.77
C LEU A 251 3.85 -12.38 32.33
N LEU A 252 2.83 -13.10 31.92
CA LEU A 252 1.46 -12.77 32.36
C LEU A 252 1.28 -12.90 33.86
N LYS A 253 1.80 -14.00 34.41
CA LYS A 253 1.80 -14.20 35.88
C LYS A 253 2.50 -13.06 36.62
N ALA A 254 3.70 -12.68 36.16
CA ALA A 254 4.41 -11.59 36.76
C ALA A 254 3.61 -10.30 36.72
N TRP A 255 3.04 -10.01 35.56
CA TRP A 255 2.22 -8.82 35.42
C TRP A 255 1.05 -8.86 36.41
N ARG A 256 0.32 -9.98 36.45
CA ARG A 256 -0.81 -10.09 37.36
C ARG A 256 -0.36 -9.99 38.83
N ASP A 257 0.85 -10.44 39.13
CA ASP A 257 1.36 -10.39 40.51
C ASP A 257 1.91 -9.02 40.81
N GLY A 258 1.94 -8.13 39.84
CA GLY A 258 2.48 -6.79 40.06
C GLY A 258 3.97 -6.71 39.98
N ASP A 259 4.62 -7.74 39.52
CA ASP A 259 6.07 -7.68 39.36
C ASP A 259 6.42 -7.28 37.91
N VAL A 260 6.32 -5.98 37.67
CA VAL A 260 6.50 -5.40 36.35
C VAL A 260 7.92 -5.58 35.84
N ALA A 261 8.90 -5.49 36.73
CA ALA A 261 10.30 -5.67 36.30
C ALA A 261 10.49 -7.08 35.75
N LYS A 262 9.89 -8.05 36.41
CA LYS A 262 10.06 -9.43 35.95
C LYS A 262 9.38 -9.65 34.60
N ALA A 263 8.15 -9.11 34.50
CA ALA A 263 7.39 -9.15 33.25
C ALA A 263 8.21 -8.57 32.09
N ALA A 264 8.91 -7.47 32.37
CA ALA A 264 9.72 -6.81 31.37
C ALA A 264 10.85 -7.68 30.97
N GLY A 265 11.37 -8.47 31.92
CA GLY A 265 12.43 -9.41 31.62
C GLY A 265 12.00 -10.44 30.58
N TYR A 266 10.85 -11.03 30.81
CA TYR A 266 10.26 -11.94 29.79
C TYR A 266 9.98 -11.24 28.44
N HIS A 267 9.50 -10.02 28.51
CA HIS A 267 9.28 -9.22 27.32
C HIS A 267 10.54 -9.05 26.48
N GLN A 268 11.69 -8.92 27.14
CA GLN A 268 12.91 -8.76 26.39
C GLN A 268 13.16 -9.98 25.51
N THR A 269 12.82 -11.16 26.01
CA THR A 269 12.90 -12.35 25.18
C THR A 269 11.89 -12.39 24.04
N LEU A 270 10.62 -12.11 24.37
CA LEU A 270 9.58 -12.03 23.35
C LEU A 270 9.89 -11.02 22.25
N LEU A 271 10.56 -9.92 22.61
CA LEU A 271 10.96 -8.92 21.62
C LEU A 271 11.89 -9.48 20.57
N GLN A 272 12.68 -10.50 20.92
CA GLN A 272 13.67 -11.07 20.03
C GLN A 272 13.15 -12.27 19.21
N ILE A 273 12.20 -12.99 19.78
CA ILE A 273 11.72 -14.23 19.15
C ILE A 273 11.31 -14.08 17.70
N PRO A 274 10.58 -12.98 17.35
CA PRO A 274 10.09 -12.92 15.95
C PRO A 274 11.12 -12.83 14.79
N GLN A 275 12.40 -12.63 15.07
CA GLN A 275 13.43 -12.79 14.07
C GLN A 275 13.32 -14.11 13.34
N MET A 276 13.02 -15.17 14.08
CA MET A 276 12.97 -16.50 13.48
C MET A 276 11.91 -16.61 12.39
N TYR A 277 10.82 -15.85 12.47
CA TYR A 277 9.74 -15.97 11.51
C TYR A 277 10.18 -15.45 10.12
N GLN A 278 11.31 -14.76 10.04
CA GLN A 278 11.83 -14.30 8.73
C GLN A 278 12.46 -15.47 7.98
N LEU A 279 12.66 -16.62 8.63
CA LEU A 279 13.40 -17.70 7.97
C LEU A 279 12.65 -18.30 6.77
N ASP A 280 11.32 -18.19 6.73
CA ASP A 280 10.57 -18.65 5.63
C ASP A 280 9.17 -18.05 5.62
N THR A 281 8.53 -18.10 4.46
CA THR A 281 7.13 -17.68 4.34
C THR A 281 6.38 -18.66 3.50
N PRO A 282 5.32 -19.31 4.03
CA PRO A 282 4.84 -19.25 5.45
C PRO A 282 5.87 -19.81 6.44
N PHE A 283 5.77 -19.37 7.69
CA PHE A 283 6.75 -19.80 8.71
C PHE A 283 6.17 -20.83 9.66
N VAL A 284 5.05 -21.45 9.31
CA VAL A 284 4.54 -22.63 10.01
C VAL A 284 5.60 -23.77 10.17
N ASN A 285 6.49 -23.88 9.21
CA ASN A 285 7.62 -24.85 9.32
C ASN A 285 8.57 -24.48 10.45
N VAL A 286 8.91 -23.19 10.53
CA VAL A 286 9.79 -22.68 11.54
C VAL A 286 9.24 -23.00 12.93
N ILE A 287 7.96 -22.74 13.12
CA ILE A 287 7.38 -22.96 14.42
C ILE A 287 7.50 -24.46 14.83
N LYS A 288 7.22 -25.37 13.92
CA LYS A 288 7.27 -26.82 14.26
C LYS A 288 8.72 -27.20 14.52
N GLU A 289 9.66 -26.61 13.74
CA GLU A 289 11.09 -26.96 13.95
C GLU A 289 11.52 -26.48 15.31
N ALA A 290 10.93 -25.35 15.76
CA ALA A 290 11.27 -24.83 17.07
C ALA A 290 10.68 -25.69 18.21
N ILE A 291 9.48 -26.23 17.99
CA ILE A 291 8.91 -27.18 18.95
C ILE A 291 9.88 -28.36 19.18
N VAL A 292 10.40 -28.91 18.08
CA VAL A 292 11.39 -30.00 18.15
C VAL A 292 12.65 -29.60 18.88
N LEU A 293 13.23 -28.52 18.45
CA LEU A 293 14.44 -27.99 19.09
C LEU A 293 14.25 -27.67 20.56
N CYS A 294 13.05 -27.28 20.99
CA CYS A 294 12.83 -26.99 22.38
C CYS A 294 12.44 -28.19 23.20
N GLY A 295 12.49 -29.38 22.62
CA GLY A 295 12.40 -30.59 23.41
C GLY A 295 11.20 -31.50 23.18
N ARG A 296 10.33 -31.17 22.21
CA ARG A 296 9.15 -32.00 21.92
C ARG A 296 9.22 -32.58 20.48
N PRO A 297 9.57 -33.87 20.34
CA PRO A 297 9.85 -34.40 19.00
C PRO A 297 8.57 -34.73 18.28
N VAL A 298 8.05 -33.80 17.52
CA VAL A 298 6.88 -34.04 16.71
C VAL A 298 7.33 -33.97 15.29
N SER A 299 6.58 -34.57 14.38
CA SER A 299 6.80 -34.38 12.98
C SER A 299 6.66 -32.93 12.63
N THR A 300 7.49 -32.47 11.70
CA THR A 300 7.45 -31.09 11.28
C THR A 300 6.82 -30.89 9.90
N HIS A 301 6.20 -31.96 9.34
CA HIS A 301 5.56 -31.87 8.09
C HIS A 301 4.55 -30.62 8.12
N VAL A 302 4.56 -29.90 7.00
CA VAL A 302 3.65 -28.79 6.75
C VAL A 302 2.97 -28.99 5.41
N LEU A 303 1.75 -28.44 5.27
CA LEU A 303 0.99 -28.64 4.09
C LEU A 303 1.37 -27.64 3.02
N PRO A 304 1.37 -28.08 1.75
CA PRO A 304 1.62 -27.15 0.69
C PRO A 304 0.51 -26.10 0.63
N PRO A 305 0.90 -24.87 0.26
CA PRO A 305 2.20 -24.49 -0.34
C PRO A 305 3.32 -24.09 0.58
N ALA A 306 3.17 -24.37 1.87
CA ALA A 306 4.37 -24.36 2.73
C ALA A 306 5.30 -25.53 2.37
N SER A 307 6.55 -25.46 2.81
CA SER A 307 7.50 -26.51 2.49
C SER A 307 8.49 -26.69 3.63
N PRO A 308 9.26 -27.81 3.62
CA PRO A 308 10.18 -28.06 4.74
C PRO A 308 11.25 -26.98 4.87
N LEU A 309 11.63 -26.66 6.09
CA LEU A 309 12.74 -25.70 6.31
C LEU A 309 14.06 -26.40 5.99
N ASP A 310 14.96 -25.74 5.27
CA ASP A 310 16.18 -26.41 4.82
C ASP A 310 17.14 -26.52 6.04
N GLU A 311 18.16 -27.38 5.93
CA GLU A 311 19.06 -27.62 7.09
C GLU A 311 19.84 -26.37 7.50
N PRO A 312 20.29 -25.57 6.54
CA PRO A 312 21.00 -24.36 7.03
C PRO A 312 20.13 -23.46 7.88
N ARG A 313 18.89 -23.23 7.44
CA ARG A 313 18.00 -22.40 8.23
C ARG A 313 17.56 -23.06 9.55
N LYS A 314 17.43 -24.39 9.58
CA LYS A 314 17.21 -25.10 10.87
C LYS A 314 18.37 -24.81 11.85
N ALA A 315 19.65 -24.81 11.36
CA ALA A 315 20.79 -24.55 12.24
C ALA A 315 20.76 -23.10 12.74
N GLN A 316 20.37 -22.19 11.86
CA GLN A 316 20.20 -20.77 12.26
C GLN A 316 19.12 -20.62 13.33
N LEU A 317 17.99 -21.30 13.14
CA LEU A 317 16.91 -21.30 14.11
C LEU A 317 17.46 -21.83 15.47
N LYS A 318 18.19 -22.94 15.41
CA LYS A 318 18.77 -23.52 16.60
C LYS A 318 19.67 -22.54 17.34
N THR A 319 20.52 -21.82 16.60
CA THR A 319 21.41 -20.85 17.24
C THR A 319 20.61 -19.73 17.91
N LEU A 320 19.59 -19.26 17.22
CA LEU A 320 18.78 -18.23 17.84
C LEU A 320 18.11 -18.68 19.17
N LEU A 321 17.50 -19.84 19.16
CA LEU A 321 16.89 -20.39 20.35
C LEU A 321 17.91 -20.55 21.49
N GLN A 322 19.11 -20.99 21.12
CA GLN A 322 20.18 -21.11 22.09
C GLN A 322 20.57 -19.75 22.65
N GLN A 323 20.76 -18.76 21.79
CA GLN A 323 21.05 -17.42 22.30
C GLN A 323 19.98 -16.86 23.20
N LEU A 324 18.73 -17.21 23.03
CA LEU A 324 17.67 -16.69 23.89
C LEU A 324 17.43 -17.58 25.09
N LYS A 325 18.22 -18.63 25.21
CA LYS A 325 18.09 -19.58 26.30
C LYS A 325 16.75 -20.31 26.31
N LEU A 326 16.25 -20.70 25.14
CA LEU A 326 15.00 -21.48 25.05
C LEU A 326 15.19 -22.97 24.67
N CYS A 327 16.44 -23.39 24.45
CA CYS A 327 16.78 -24.82 24.29
C CYS A 327 18.24 -25.08 24.54
N ALA B 30 -0.79 -20.33 -30.26
CA ALA B 30 -1.24 -19.73 -28.96
C ALA B 30 -2.59 -20.27 -28.56
N LEU B 31 -2.73 -20.68 -27.31
CA LEU B 31 -3.95 -21.31 -26.84
C LEU B 31 -4.82 -20.34 -26.06
N PHE B 32 -6.11 -20.57 -26.15
CA PHE B 32 -7.06 -19.75 -25.30
C PHE B 32 -6.93 -18.28 -25.58
N THR B 33 -6.84 -17.93 -26.86
CA THR B 33 -6.88 -16.55 -27.24
C THR B 33 -8.30 -16.08 -27.51
N GLY B 34 -8.46 -14.76 -27.64
CA GLY B 34 -9.69 -14.16 -27.99
C GLY B 34 -10.57 -13.81 -26.83
N ILE B 35 -11.89 -13.94 -27.01
CA ILE B 35 -12.82 -13.56 -25.92
C ILE B 35 -13.31 -14.79 -25.17
N ILE B 36 -12.96 -14.88 -23.89
CA ILE B 36 -13.31 -16.02 -23.07
C ILE B 36 -13.96 -15.55 -21.78
N PRO B 37 -15.28 -15.54 -21.74
CA PRO B 37 -15.89 -15.03 -20.56
C PRO B 37 -15.67 -15.84 -19.29
N PRO B 38 -15.55 -15.13 -18.16
CA PRO B 38 -15.59 -15.78 -16.87
C PRO B 38 -17.07 -15.94 -16.50
N VAL B 39 -17.59 -17.12 -16.82
CA VAL B 39 -19.01 -17.34 -16.81
C VAL B 39 -19.57 -17.33 -15.42
N SER B 40 -20.69 -16.65 -15.23
CA SER B 40 -21.34 -16.67 -13.92
C SER B 40 -21.88 -18.11 -13.69
N THR B 41 -21.82 -18.56 -12.46
CA THR B 41 -22.51 -19.77 -12.06
C THR B 41 -23.91 -19.37 -11.61
N ILE B 42 -24.96 -19.94 -12.24
CA ILE B 42 -26.35 -19.62 -11.81
C ILE B 42 -26.78 -20.56 -10.71
N PHE B 43 -27.28 -19.98 -9.62
CA PHE B 43 -27.82 -20.73 -8.47
C PHE B 43 -29.31 -20.44 -8.30
N THR B 44 -30.01 -21.43 -7.79
CA THR B 44 -31.43 -21.27 -7.50
C THR B 44 -31.60 -20.43 -6.28
N ALA B 45 -32.84 -20.03 -6.01
CA ALA B 45 -33.16 -19.27 -4.78
C ALA B 45 -32.78 -20.02 -3.55
N ASP B 46 -32.69 -21.33 -3.63
CA ASP B 46 -32.22 -22.13 -2.44
C ASP B 46 -30.73 -22.44 -2.49
N GLY B 47 -29.97 -21.75 -3.34
CA GLY B 47 -28.57 -21.89 -3.32
C GLY B 47 -28.00 -23.18 -3.94
N GLN B 48 -28.75 -23.86 -4.80
CA GLN B 48 -28.23 -25.02 -5.54
C GLN B 48 -27.83 -24.59 -6.96
N LEU B 49 -26.90 -25.32 -7.61
CA LEU B 49 -26.57 -25.09 -8.99
C LEU B 49 -27.90 -25.09 -9.78
N ASP B 50 -28.14 -24.05 -10.55
CA ASP B 50 -29.31 -23.95 -11.40
C ASP B 50 -28.89 -24.42 -12.79
N LYS B 51 -29.18 -25.67 -13.08
CA LYS B 51 -28.71 -26.24 -14.33
C LYS B 51 -29.37 -25.62 -15.56
N PRO B 52 -30.72 -25.57 -15.61
CA PRO B 52 -31.30 -24.93 -16.79
C PRO B 52 -30.79 -23.49 -17.00
N GLY B 53 -30.64 -22.70 -15.93
CA GLY B 53 -30.21 -21.31 -16.14
C GLY B 53 -28.73 -21.22 -16.54
N THR B 54 -27.87 -22.04 -15.89
CA THR B 54 -26.43 -22.02 -16.29
C THR B 54 -26.30 -22.47 -17.71
N ALA B 55 -27.08 -23.51 -18.10
CA ALA B 55 -26.99 -24.01 -19.46
C ALA B 55 -27.45 -23.00 -20.46
N ALA B 56 -28.54 -22.27 -20.15
CA ALA B 56 -29.02 -21.27 -21.08
C ALA B 56 -27.97 -20.13 -21.30
N LEU B 57 -27.29 -19.76 -20.22
CA LEU B 57 -26.23 -18.76 -20.29
C LEU B 57 -25.10 -19.23 -21.13
N ILE B 58 -24.69 -20.47 -20.87
CA ILE B 58 -23.67 -21.05 -21.71
C ILE B 58 -24.07 -20.99 -23.17
N ASP B 59 -25.29 -21.45 -23.47
CA ASP B 59 -25.69 -21.47 -24.90
C ASP B 59 -25.75 -20.05 -25.51
N ASP B 60 -26.24 -19.07 -24.76
CA ASP B 60 -26.18 -17.65 -25.24
C ASP B 60 -24.78 -17.20 -25.62
N LEU B 61 -23.82 -17.53 -24.76
CA LEU B 61 -22.43 -17.08 -25.00
C LEU B 61 -21.81 -17.77 -26.21
N ILE B 62 -22.06 -19.06 -26.35
CA ILE B 62 -21.59 -19.80 -27.54
C ILE B 62 -22.21 -19.18 -28.79
N LYS B 63 -23.51 -18.95 -28.77
CA LYS B 63 -24.20 -18.34 -29.92
C LYS B 63 -23.61 -16.95 -30.23
N ALA B 64 -23.13 -16.24 -29.21
CA ALA B 64 -22.56 -14.90 -29.44
C ALA B 64 -21.19 -14.94 -30.04
N GLY B 65 -20.59 -16.13 -30.14
CA GLY B 65 -19.31 -16.21 -30.88
C GLY B 65 -18.07 -16.10 -30.04
N VAL B 66 -18.16 -16.39 -28.75
CA VAL B 66 -17.00 -16.34 -27.89
C VAL B 66 -16.04 -17.45 -28.26
N ASP B 67 -14.77 -17.27 -27.91
CA ASP B 67 -13.68 -18.21 -28.28
C ASP B 67 -13.46 -19.27 -27.27
N GLY B 68 -14.21 -19.23 -26.16
CA GLY B 68 -14.02 -20.19 -25.10
C GLY B 68 -14.86 -19.80 -23.91
N LEU B 69 -14.87 -20.66 -22.88
CA LEU B 69 -15.58 -20.39 -21.65
C LEU B 69 -14.80 -20.78 -20.44
N PHE B 70 -14.85 -19.93 -19.42
CA PHE B 70 -14.07 -20.09 -18.21
C PHE B 70 -15.00 -20.16 -17.04
N PHE B 71 -15.08 -21.31 -16.44
CA PHE B 71 -15.95 -21.53 -15.30
C PHE B 71 -15.17 -21.51 -14.03
N LEU B 72 -15.84 -21.04 -12.98
CA LEU B 72 -15.22 -21.01 -11.67
C LEU B 72 -13.99 -20.04 -11.61
N GLY B 73 -14.10 -18.93 -12.33
CA GLY B 73 -13.27 -17.73 -12.03
C GLY B 73 -13.85 -16.92 -10.87
N SER B 74 -13.30 -15.72 -10.68
CA SER B 74 -13.71 -14.86 -9.58
C SER B 74 -15.21 -14.61 -9.68
N GLY B 75 -15.62 -14.20 -10.85
CA GLY B 75 -17.03 -13.93 -11.09
C GLY B 75 -17.95 -15.17 -11.05
N GLY B 76 -17.36 -16.35 -11.26
CA GLY B 76 -18.01 -17.68 -11.13
C GLY B 76 -18.17 -18.16 -9.72
N GLU B 77 -17.68 -17.35 -8.78
CA GLU B 77 -17.80 -17.57 -7.30
C GLU B 77 -17.01 -18.73 -6.70
N PHE B 78 -15.84 -19.05 -7.29
CA PHE B 78 -15.11 -20.20 -6.88
C PHE B 78 -14.81 -20.14 -5.39
N SER B 79 -14.56 -18.93 -4.88
CA SER B 79 -14.10 -18.76 -3.52
C SER B 79 -15.22 -18.87 -2.45
N GLN B 80 -16.46 -18.90 -2.91
CA GLN B 80 -17.59 -19.09 -2.01
C GLN B 80 -18.19 -20.52 -2.13
N LEU B 81 -17.52 -21.38 -2.91
CA LEU B 81 -17.96 -22.80 -3.18
C LEU B 81 -17.03 -23.78 -2.50
N GLY B 82 -17.57 -24.91 -2.07
CA GLY B 82 -16.76 -25.98 -1.53
C GLY B 82 -16.24 -26.83 -2.66
N ALA B 83 -15.21 -27.60 -2.35
CA ALA B 83 -14.54 -28.39 -3.38
C ALA B 83 -15.49 -29.32 -4.13
N GLU B 84 -16.35 -30.04 -3.40
CA GLU B 84 -17.29 -30.97 -4.07
C GLU B 84 -18.29 -30.25 -4.95
N GLU B 85 -18.75 -29.11 -4.48
CA GLU B 85 -19.57 -28.23 -5.33
C GLU B 85 -18.87 -27.77 -6.58
N ARG B 86 -17.59 -27.36 -6.46
CA ARG B 86 -16.82 -26.95 -7.65
C ARG B 86 -16.68 -28.11 -8.65
N LYS B 87 -16.40 -29.31 -8.15
CA LYS B 87 -16.30 -30.48 -9.06
C LYS B 87 -17.62 -30.71 -9.79
N ALA B 88 -18.74 -30.66 -9.06
CA ALA B 88 -20.05 -30.88 -9.69
C ALA B 88 -20.33 -29.79 -10.73
N ILE B 89 -19.96 -28.55 -10.44
CA ILE B 89 -20.24 -27.48 -11.37
C ILE B 89 -19.39 -27.64 -12.65
N ALA B 90 -18.11 -27.93 -12.45
CA ALA B 90 -17.20 -28.14 -13.57
C ALA B 90 -17.66 -29.29 -14.49
N ARG B 91 -18.03 -30.40 -13.88
CA ARG B 91 -18.51 -31.54 -14.67
C ARG B 91 -19.72 -31.12 -15.48
N PHE B 92 -20.69 -30.52 -14.81
CA PHE B 92 -21.90 -30.09 -15.48
C PHE B 92 -21.58 -29.16 -16.64
N ALA B 93 -20.71 -28.16 -16.38
CA ALA B 93 -20.43 -27.18 -17.45
C ALA B 93 -19.70 -27.78 -18.63
N ILE B 94 -18.68 -28.57 -18.33
CA ILE B 94 -17.90 -29.24 -19.37
C ILE B 94 -18.86 -30.09 -20.26
N ASP B 95 -19.73 -30.84 -19.59
CA ASP B 95 -20.67 -31.74 -20.28
C ASP B 95 -21.64 -30.97 -21.08
N HIS B 96 -22.17 -29.87 -20.53
CA HIS B 96 -23.09 -29.07 -21.33
C HIS B 96 -22.46 -28.42 -22.54
N VAL B 97 -21.26 -27.87 -22.38
CA VAL B 97 -20.57 -27.30 -23.50
C VAL B 97 -20.32 -28.35 -24.62
N ASP B 98 -20.00 -29.57 -24.23
CA ASP B 98 -19.90 -30.69 -25.16
C ASP B 98 -18.91 -30.37 -26.29
N ARG B 99 -17.75 -29.83 -25.93
CA ARG B 99 -16.70 -29.47 -26.87
C ARG B 99 -17.03 -28.43 -27.91
N ARG B 100 -18.15 -27.70 -27.78
CA ARG B 100 -18.44 -26.69 -28.82
C ARG B 100 -17.40 -25.55 -28.88
N VAL B 101 -16.82 -25.21 -27.74
CA VAL B 101 -15.77 -24.23 -27.62
C VAL B 101 -14.83 -24.72 -26.50
N PRO B 102 -13.57 -24.24 -26.46
CA PRO B 102 -12.67 -24.62 -25.37
C PRO B 102 -13.16 -24.24 -23.99
N VAL B 103 -12.93 -25.11 -23.01
CA VAL B 103 -13.37 -24.88 -21.70
C VAL B 103 -12.18 -24.83 -20.73
N LEU B 104 -12.16 -23.76 -19.93
CA LEU B 104 -11.23 -23.58 -18.82
C LEU B 104 -11.97 -23.71 -17.52
N ILE B 105 -11.38 -24.39 -16.56
CA ILE B 105 -11.88 -24.48 -15.22
C ILE B 105 -10.90 -23.82 -14.24
N GLY B 106 -11.42 -22.94 -13.42
CA GLY B 106 -10.65 -22.33 -12.32
C GLY B 106 -10.52 -23.26 -11.14
N THR B 107 -9.28 -23.65 -10.77
CA THR B 107 -9.11 -24.75 -9.80
C THR B 107 -8.32 -24.28 -8.59
N GLY B 108 -8.09 -23.00 -8.49
CA GLY B 108 -7.22 -22.44 -7.42
C GLY B 108 -7.90 -22.12 -6.12
N GLY B 109 -7.08 -21.71 -5.17
CA GLY B 109 -7.43 -21.46 -3.81
C GLY B 109 -6.22 -21.31 -2.97
N THR B 110 -6.36 -21.56 -1.67
CA THR B 110 -5.24 -21.56 -0.74
C THR B 110 -4.76 -22.95 -0.39
N ASN B 111 -5.68 -23.90 -0.47
CA ASN B 111 -5.37 -25.30 -0.15
C ASN B 111 -4.77 -25.98 -1.44
N ALA B 112 -3.47 -26.14 -1.45
CA ALA B 112 -2.74 -26.59 -2.62
C ALA B 112 -3.06 -28.03 -2.96
N ARG B 113 -3.26 -28.86 -1.94
CA ARG B 113 -3.67 -30.28 -2.21
C ARG B 113 -5.00 -30.31 -2.90
N GLU B 114 -5.86 -29.39 -2.50
CA GLU B 114 -7.14 -29.22 -3.19
C GLU B 114 -7.02 -28.68 -4.60
N THR B 115 -6.09 -27.76 -4.82
CA THR B 115 -5.87 -27.31 -6.16
C THR B 115 -5.55 -28.52 -7.07
N ILE B 116 -4.63 -29.37 -6.60
CA ILE B 116 -4.25 -30.52 -7.40
C ILE B 116 -5.44 -31.45 -7.66
N GLU B 117 -6.20 -31.70 -6.62
CA GLU B 117 -7.37 -32.53 -6.78
C GLU B 117 -8.37 -31.96 -7.79
N LEU B 118 -8.69 -30.69 -7.66
CA LEU B 118 -9.63 -30.02 -8.56
C LEU B 118 -9.10 -30.01 -9.98
N SER B 119 -7.81 -29.83 -10.11
CA SER B 119 -7.20 -29.76 -11.45
C SER B 119 -7.20 -31.14 -12.14
N GLN B 120 -6.85 -32.17 -11.38
CA GLN B 120 -6.91 -33.55 -11.94
C GLN B 120 -8.36 -33.93 -12.26
N HIS B 121 -9.28 -33.52 -11.39
CA HIS B 121 -10.67 -33.77 -11.62
C HIS B 121 -11.10 -33.08 -12.93
N ALA B 122 -10.66 -31.82 -13.13
CA ALA B 122 -10.97 -31.12 -14.37
C ALA B 122 -10.48 -31.86 -15.61
N GLN B 123 -9.26 -32.33 -15.53
CA GLN B 123 -8.72 -33.08 -16.65
C GLN B 123 -9.53 -34.35 -16.87
N GLN B 124 -9.81 -35.10 -15.81
CA GLN B 124 -10.66 -36.34 -15.94
C GLN B 124 -12.02 -36.09 -16.49
N ALA B 125 -12.63 -34.98 -16.10
CA ALA B 125 -13.94 -34.62 -16.59
C ALA B 125 -13.93 -34.12 -18.02
N GLY B 126 -12.79 -33.81 -18.62
CA GLY B 126 -12.82 -33.38 -19.99
C GLY B 126 -12.57 -31.89 -20.28
N ALA B 127 -12.10 -31.15 -19.27
CA ALA B 127 -11.75 -29.72 -19.50
C ALA B 127 -10.65 -29.60 -20.51
N ASP B 128 -10.56 -28.46 -21.20
CA ASP B 128 -9.44 -28.17 -22.08
C ASP B 128 -8.27 -27.48 -21.43
N GLY B 129 -8.48 -26.84 -20.28
CA GLY B 129 -7.37 -26.23 -19.53
C GLY B 129 -7.86 -25.83 -18.18
N ILE B 130 -6.94 -25.40 -17.34
CA ILE B 130 -7.22 -24.92 -15.99
C ILE B 130 -6.61 -23.53 -15.79
N VAL B 131 -7.20 -22.81 -14.86
CA VAL B 131 -6.77 -21.42 -14.56
C VAL B 131 -6.48 -21.33 -13.09
N VAL B 132 -5.24 -20.97 -12.73
CA VAL B 132 -4.80 -21.13 -11.38
C VAL B 132 -4.23 -19.81 -10.84
N ILE B 133 -4.91 -19.27 -9.83
CA ILE B 133 -4.44 -18.08 -9.12
C ILE B 133 -3.35 -18.44 -8.15
N ASN B 134 -2.56 -17.47 -7.73
CA ASN B 134 -1.62 -17.68 -6.66
C ASN B 134 -2.36 -17.73 -5.31
N PRO B 135 -1.83 -18.49 -4.32
CA PRO B 135 -2.47 -18.58 -3.01
C PRO B 135 -2.56 -17.17 -2.42
N TYR B 136 -3.70 -16.86 -1.83
CA TYR B 136 -4.08 -15.50 -1.52
C TYR B 136 -4.40 -15.24 -0.08
N TYR B 137 -4.07 -16.19 0.77
CA TYR B 137 -4.05 -15.88 2.17
C TYR B 137 -2.59 -15.53 2.54
N TRP B 138 -1.80 -16.50 2.97
CA TRP B 138 -0.33 -16.32 2.98
C TRP B 138 0.12 -15.88 1.56
N LYS B 139 0.98 -14.87 1.52
CA LYS B 139 1.68 -14.48 0.28
C LYS B 139 3.04 -15.25 0.39
N VAL B 140 3.10 -16.38 -0.24
CA VAL B 140 4.21 -17.29 0.02
C VAL B 140 5.49 -16.74 -0.63
N SER B 141 6.64 -17.20 -0.15
CA SER B 141 7.93 -16.84 -0.69
C SER B 141 7.98 -17.17 -2.18
N GLU B 142 8.89 -16.47 -2.88
CA GLU B 142 9.02 -16.72 -4.27
C GLU B 142 9.35 -18.21 -4.55
N ALA B 143 10.23 -18.81 -3.74
CA ALA B 143 10.59 -20.20 -3.96
C ALA B 143 9.34 -21.08 -3.85
N ASN B 144 8.53 -20.83 -2.81
CA ASN B 144 7.32 -21.62 -2.59
C ASN B 144 6.31 -21.42 -3.68
N LEU B 145 6.30 -20.19 -4.23
CA LEU B 145 5.28 -19.82 -5.20
C LEU B 145 5.58 -20.53 -6.52
N ILE B 146 6.86 -20.47 -6.88
CA ILE B 146 7.30 -21.21 -8.08
C ILE B 146 7.06 -22.69 -7.93
N ARG B 147 7.46 -23.25 -6.78
CA ARG B 147 7.24 -24.66 -6.54
C ARG B 147 5.73 -25.02 -6.63
N TYR B 148 4.89 -24.17 -6.03
CA TYR B 148 3.44 -24.40 -6.10
C TYR B 148 2.97 -24.55 -7.54
N PHE B 149 3.31 -23.57 -8.37
CA PHE B 149 2.85 -23.59 -9.74
C PHE B 149 3.44 -24.77 -10.49
N GLU B 150 4.72 -25.06 -10.25
CA GLU B 150 5.34 -26.23 -10.90
C GLU B 150 4.60 -27.52 -10.51
N GLN B 151 4.25 -27.66 -9.23
CA GLN B 151 3.53 -28.86 -8.81
C GLN B 151 2.18 -28.96 -9.43
N VAL B 152 1.51 -27.81 -9.51
CA VAL B 152 0.17 -27.87 -10.05
C VAL B 152 0.29 -28.23 -11.53
N ALA B 153 1.24 -27.58 -12.20
CA ALA B 153 1.41 -27.87 -13.62
C ALA B 153 1.83 -29.36 -13.89
N ASP B 154 2.57 -29.92 -12.96
CA ASP B 154 2.98 -31.32 -13.07
C ASP B 154 1.84 -32.30 -12.84
N SER B 155 0.74 -31.82 -12.27
CA SER B 155 -0.29 -32.74 -11.81
C SER B 155 -1.24 -33.07 -12.94
N VAL B 156 -1.18 -32.35 -14.06
CA VAL B 156 -2.09 -32.50 -15.15
C VAL B 156 -1.29 -32.47 -16.41
N THR B 157 -1.84 -32.98 -17.50
CA THR B 157 -1.25 -32.67 -18.80
C THR B 157 -1.94 -31.51 -19.50
N LEU B 158 -2.95 -30.95 -18.90
CA LEU B 158 -3.66 -29.89 -19.57
C LEU B 158 -2.79 -28.61 -19.63
N PRO B 159 -3.05 -27.76 -20.60
CA PRO B 159 -2.58 -26.38 -20.47
C PRO B 159 -3.03 -25.69 -19.19
N VAL B 160 -2.13 -24.89 -18.63
CA VAL B 160 -2.36 -24.11 -17.43
C VAL B 160 -2.23 -22.63 -17.75
N MET B 161 -3.29 -21.90 -17.40
CA MET B 161 -3.30 -20.51 -17.45
C MET B 161 -3.13 -19.98 -16.03
N LEU B 162 -2.18 -19.07 -15.84
CA LEU B 162 -2.03 -18.41 -14.57
C LEU B 162 -3.12 -17.36 -14.43
N TYR B 163 -3.35 -16.95 -13.19
CA TYR B 163 -4.39 -15.91 -12.89
C TYR B 163 -3.72 -14.92 -11.98
N ASN B 164 -3.51 -13.70 -12.45
CA ASN B 164 -3.00 -12.62 -11.62
C ASN B 164 -4.14 -11.69 -11.25
N PHE B 165 -4.35 -11.45 -9.95
CA PHE B 165 -5.40 -10.49 -9.48
C PHE B 165 -4.91 -9.81 -8.19
N PRO B 166 -3.85 -8.99 -8.30
CA PRO B 166 -3.16 -8.51 -7.12
C PRO B 166 -4.00 -7.67 -6.13
N ALA B 167 -5.04 -7.01 -6.63
CA ALA B 167 -5.93 -6.28 -5.76
C ALA B 167 -6.59 -7.22 -4.77
N LEU B 168 -6.84 -8.46 -5.18
CA LEU B 168 -7.38 -9.45 -4.23
C LEU B 168 -6.36 -10.33 -3.57
N THR B 169 -5.32 -10.72 -4.32
CA THR B 169 -4.36 -11.65 -3.75
C THR B 169 -3.35 -10.99 -2.85
N GLY B 170 -3.11 -9.69 -3.04
CA GLY B 170 -2.02 -9.00 -2.30
C GLY B 170 -0.61 -9.49 -2.70
N GLN B 171 -0.49 -10.19 -3.84
CA GLN B 171 0.78 -10.58 -4.33
C GLN B 171 0.79 -10.65 -5.82
N ASP B 172 1.58 -9.76 -6.44
CA ASP B 172 1.58 -9.67 -7.87
C ASP B 172 2.36 -10.82 -8.51
N LEU B 173 1.89 -11.33 -9.63
CA LEU B 173 2.67 -12.21 -10.47
C LEU B 173 3.35 -11.29 -11.45
N THR B 174 4.62 -11.03 -11.19
CA THR B 174 5.35 -10.04 -11.99
C THR B 174 5.68 -10.63 -13.34
N PRO B 175 5.80 -9.79 -14.34
CA PRO B 175 6.23 -10.37 -15.62
C PRO B 175 7.48 -11.28 -15.52
N ALA B 176 8.47 -10.91 -14.69
CA ALA B 176 9.69 -11.73 -14.56
C ALA B 176 9.34 -13.13 -14.04
N LEU B 177 8.51 -13.13 -13.02
CA LEU B 177 8.12 -14.40 -12.39
C LEU B 177 7.38 -15.28 -13.42
N VAL B 178 6.44 -14.69 -14.14
CA VAL B 178 5.63 -15.40 -15.11
C VAL B 178 6.59 -15.96 -16.18
N LYS B 179 7.55 -15.17 -16.61
CA LYS B 179 8.55 -15.68 -17.58
C LYS B 179 9.35 -16.94 -17.03
N THR B 180 9.74 -16.86 -15.77
CA THR B 180 10.40 -17.93 -15.09
C THR B 180 9.48 -19.18 -15.08
N LEU B 181 8.19 -18.97 -14.84
CA LEU B 181 7.24 -20.11 -14.85
C LEU B 181 7.09 -20.71 -16.22
N ALA B 182 6.94 -19.86 -17.26
CA ALA B 182 6.87 -20.31 -18.62
C ALA B 182 8.18 -21.04 -19.07
N ASP B 183 9.33 -20.57 -18.62
CA ASP B 183 10.60 -21.25 -18.90
C ASP B 183 10.63 -22.64 -18.18
N SER B 184 9.96 -22.76 -17.05
CA SER B 184 10.12 -23.99 -16.24
C SER B 184 9.19 -25.12 -16.69
N ARG B 185 7.97 -24.78 -17.06
CA ARG B 185 7.01 -25.79 -17.44
C ARG B 185 6.34 -25.46 -18.75
N SER B 186 6.41 -26.38 -19.72
CA SER B 186 5.91 -26.08 -21.04
C SER B 186 4.41 -26.10 -21.11
N ASN B 187 3.72 -26.56 -20.09
CA ASN B 187 2.28 -26.43 -20.08
C ASN B 187 1.74 -25.14 -19.36
N ILE B 188 2.63 -24.31 -18.88
CA ILE B 188 2.19 -23.02 -18.36
C ILE B 188 2.21 -22.07 -19.53
N ILE B 189 1.05 -21.79 -20.08
CA ILE B 189 0.97 -21.24 -21.43
C ILE B 189 0.24 -19.93 -21.59
N GLY B 190 -0.19 -19.36 -20.50
CA GLY B 190 -0.83 -18.04 -20.55
C GLY B 190 -1.17 -17.47 -19.21
N ILE B 191 -1.76 -16.28 -19.24
CA ILE B 191 -2.14 -15.60 -18.05
C ILE B 191 -3.37 -14.74 -18.23
N LYS B 192 -4.20 -14.70 -17.21
CA LYS B 192 -5.26 -13.74 -17.11
C LYS B 192 -4.68 -12.67 -16.17
N ASP B 193 -4.33 -11.54 -16.75
CA ASP B 193 -3.73 -10.47 -15.98
C ASP B 193 -4.79 -9.43 -15.61
N THR B 194 -5.22 -9.48 -14.37
CA THR B 194 -6.39 -8.77 -13.89
C THR B 194 -5.89 -7.60 -13.03
N ILE B 195 -5.75 -6.47 -13.71
CA ILE B 195 -5.14 -5.29 -13.12
C ILE B 195 -5.41 -4.07 -13.96
N ASP B 196 -5.71 -2.93 -13.31
CA ASP B 196 -6.07 -1.71 -14.13
C ASP B 196 -4.71 -1.02 -14.31
N SER B 197 -3.91 -1.53 -15.23
CA SER B 197 -2.54 -1.04 -15.47
C SER B 197 -2.06 -1.35 -16.85
N VAL B 198 -1.98 -0.32 -17.68
CA VAL B 198 -1.43 -0.50 -18.99
C VAL B 198 0.04 -0.98 -18.88
N ALA B 199 0.81 -0.44 -17.91
CA ALA B 199 2.22 -0.75 -17.79
C ALA B 199 2.37 -2.28 -17.51
N HIS B 200 1.53 -2.81 -16.64
CA HIS B 200 1.63 -4.22 -16.27
C HIS B 200 1.37 -5.12 -17.48
N LEU B 201 0.31 -4.82 -18.24
CA LEU B 201 -0.01 -5.54 -19.45
C LEU B 201 1.15 -5.45 -20.45
N ARG B 202 1.63 -4.21 -20.67
CA ARG B 202 2.73 -4.00 -21.61
C ARG B 202 3.94 -4.84 -21.25
N SER B 203 4.31 -4.79 -19.98
CA SER B 203 5.48 -5.46 -19.53
C SER B 203 5.32 -6.99 -19.54
N MET B 204 4.12 -7.46 -19.21
CA MET B 204 3.80 -8.88 -19.27
C MET B 204 4.04 -9.35 -20.70
N ILE B 205 3.52 -8.56 -21.65
CA ILE B 205 3.61 -8.95 -23.05
C ILE B 205 5.11 -8.94 -23.49
N HIS B 206 5.79 -7.82 -23.29
CA HIS B 206 7.22 -7.75 -23.68
C HIS B 206 8.09 -8.80 -23.04
N THR B 207 7.96 -8.97 -21.75
CA THR B 207 8.83 -9.86 -21.06
C THR B 207 8.50 -11.32 -21.36
N VAL B 208 7.22 -11.70 -21.33
CA VAL B 208 6.90 -13.13 -21.40
C VAL B 208 6.79 -13.50 -22.86
N LYS B 209 6.05 -12.70 -23.63
CA LYS B 209 5.89 -13.04 -25.03
C LYS B 209 7.17 -12.86 -25.82
N GLY B 210 8.00 -11.95 -25.37
CA GLY B 210 9.32 -11.77 -25.96
C GLY B 210 10.14 -13.06 -25.83
N ALA B 211 10.04 -13.78 -24.73
CA ALA B 211 10.70 -15.07 -24.62
C ALA B 211 9.88 -16.23 -25.17
N HIS B 212 8.55 -16.14 -25.16
CA HIS B 212 7.67 -17.22 -25.54
C HIS B 212 6.57 -16.66 -26.42
N PRO B 213 6.80 -16.51 -27.73
CA PRO B 213 5.88 -15.72 -28.58
C PRO B 213 4.48 -16.27 -28.62
N HIS B 214 4.29 -17.54 -28.26
CA HIS B 214 2.92 -18.09 -28.23
C HIS B 214 2.29 -18.16 -26.85
N PHE B 215 2.95 -17.63 -25.83
CA PHE B 215 2.34 -17.51 -24.52
C PHE B 215 1.17 -16.50 -24.59
N THR B 216 0.03 -16.83 -23.99
CA THR B 216 -1.18 -16.06 -24.20
C THR B 216 -1.35 -15.04 -23.07
N VAL B 217 -1.56 -13.77 -23.43
CA VAL B 217 -1.82 -12.72 -22.43
C VAL B 217 -3.23 -12.16 -22.64
N LEU B 218 -4.08 -12.46 -21.68
CA LEU B 218 -5.48 -11.99 -21.69
C LEU B 218 -5.61 -10.99 -20.53
N CYS B 219 -6.28 -9.88 -20.77
CA CYS B 219 -6.52 -8.92 -19.69
C CYS B 219 -7.77 -9.36 -18.98
N GLY B 220 -7.86 -9.01 -17.71
CA GLY B 220 -9.02 -9.40 -16.92
C GLY B 220 -10.07 -8.31 -16.79
N TYR B 221 -9.80 -7.15 -17.35
CA TYR B 221 -10.78 -6.02 -17.31
C TYR B 221 -11.18 -5.55 -18.71
N ASP B 222 -12.47 -5.26 -18.82
CA ASP B 222 -13.12 -4.96 -20.10
C ASP B 222 -12.42 -3.80 -20.75
N ASP B 223 -12.03 -2.82 -19.93
CA ASP B 223 -11.54 -1.58 -20.51
C ASP B 223 -10.09 -1.63 -20.91
N HIS B 224 -9.47 -2.79 -20.82
CA HIS B 224 -8.14 -2.99 -21.33
C HIS B 224 -8.01 -3.91 -22.55
N LEU B 225 -9.12 -4.44 -23.04
CA LEU B 225 -9.11 -5.34 -24.24
C LEU B 225 -8.46 -4.72 -25.42
N PHE B 226 -8.87 -3.49 -25.75
CA PHE B 226 -8.37 -2.85 -26.94
C PHE B 226 -6.89 -2.62 -26.82
N ASN B 227 -6.47 -2.11 -25.67
CA ASN B 227 -5.06 -1.83 -25.47
C ASN B 227 -4.27 -3.12 -25.44
N THR B 228 -4.85 -4.16 -24.84
CA THR B 228 -4.16 -5.45 -24.82
C THR B 228 -3.85 -5.93 -26.26
N LEU B 229 -4.81 -5.79 -27.16
CA LEU B 229 -4.60 -6.18 -28.53
C LEU B 229 -3.51 -5.31 -29.18
N LEU B 230 -3.61 -4.00 -29.01
CA LEU B 230 -2.64 -3.10 -29.59
C LEU B 230 -1.23 -3.28 -29.08
N LEU B 231 -1.13 -3.72 -27.82
CA LEU B 231 0.13 -4.02 -27.22
C LEU B 231 0.74 -5.38 -27.71
N GLY B 232 0.00 -6.18 -28.49
CA GLY B 232 0.50 -7.48 -28.90
C GLY B 232 0.02 -8.65 -28.07
N GLY B 233 -0.95 -8.41 -27.19
CA GLY B 233 -1.60 -9.46 -26.42
C GLY B 233 -2.76 -10.12 -27.16
N ASP B 234 -3.55 -10.92 -26.46
CA ASP B 234 -4.35 -11.95 -27.10
C ASP B 234 -5.84 -11.90 -26.90
N GLY B 235 -6.29 -11.07 -26.00
CA GLY B 235 -7.71 -11.08 -25.68
C GLY B 235 -8.03 -10.71 -24.28
N ALA B 236 -9.23 -11.14 -23.85
CA ALA B 236 -9.79 -10.85 -22.53
C ALA B 236 -10.67 -11.93 -21.94
N ILE B 237 -10.55 -12.07 -20.61
CA ILE B 237 -11.46 -12.75 -19.78
C ILE B 237 -12.03 -11.69 -18.87
N SER B 238 -13.21 -11.16 -19.18
CA SER B 238 -13.76 -10.03 -18.41
C SER B 238 -15.26 -10.14 -18.27
N ALA B 239 -15.76 -9.60 -17.18
CA ALA B 239 -17.11 -9.94 -16.71
C ALA B 239 -18.22 -9.58 -17.71
N SER B 240 -18.01 -8.56 -18.49
CA SER B 240 -19.00 -8.10 -19.49
C SER B 240 -19.26 -9.13 -20.59
N GLY B 241 -18.35 -10.08 -20.71
CA GLY B 241 -18.61 -11.26 -21.51
C GLY B 241 -19.89 -12.00 -21.18
N ASN B 242 -20.34 -11.89 -19.95
CA ASN B 242 -21.56 -12.54 -19.56
C ASN B 242 -22.82 -11.90 -20.15
N PHE B 243 -22.84 -10.58 -20.25
CA PHE B 243 -24.13 -9.90 -20.55
C PHE B 243 -24.07 -9.07 -21.77
N ALA B 244 -22.86 -8.76 -22.21
CA ALA B 244 -22.67 -8.06 -23.47
C ALA B 244 -21.49 -8.66 -24.25
N PRO B 245 -21.52 -9.98 -24.48
CA PRO B 245 -20.37 -10.60 -25.17
C PRO B 245 -20.10 -9.97 -26.54
N GLN B 246 -21.17 -9.54 -27.21
CA GLN B 246 -21.09 -9.05 -28.58
C GLN B 246 -20.14 -7.89 -28.70
N VAL B 247 -20.01 -7.12 -27.63
CA VAL B 247 -19.17 -5.94 -27.70
C VAL B 247 -17.72 -6.37 -27.84
N SER B 248 -17.31 -7.31 -27.01
CA SER B 248 -15.92 -7.83 -27.11
C SER B 248 -15.67 -8.68 -28.38
N VAL B 249 -16.62 -9.58 -28.70
CA VAL B 249 -16.52 -10.43 -29.89
C VAL B 249 -16.37 -9.54 -31.14
N ASN B 250 -17.13 -8.47 -31.23
CA ASN B 250 -17.10 -7.61 -32.40
C ASN B 250 -15.86 -6.74 -32.44
N LEU B 251 -15.38 -6.34 -31.26
CA LEU B 251 -14.12 -5.64 -31.19
C LEU B 251 -13.03 -6.55 -31.75
N LEU B 252 -12.96 -7.78 -31.24
CA LEU B 252 -11.91 -8.70 -31.67
C LEU B 252 -11.97 -8.95 -33.19
N LYS B 253 -13.17 -9.17 -33.70
CA LYS B 253 -13.37 -9.39 -35.12
C LYS B 253 -12.92 -8.18 -35.95
N ALA B 254 -13.30 -6.99 -35.53
CA ALA B 254 -12.84 -5.78 -36.23
C ALA B 254 -11.34 -5.60 -36.20
N TRP B 255 -10.74 -5.87 -35.05
CA TRP B 255 -9.32 -5.85 -34.95
C TRP B 255 -8.66 -6.90 -35.89
N ARG B 256 -9.14 -8.13 -35.88
CA ARG B 256 -8.60 -9.17 -36.78
C ARG B 256 -8.87 -8.87 -38.28
N ASP B 257 -9.96 -8.15 -38.57
CA ASP B 257 -10.24 -7.75 -39.96
C ASP B 257 -9.42 -6.54 -40.36
N GLY B 258 -8.66 -5.94 -39.42
CA GLY B 258 -7.95 -4.67 -39.72
C GLY B 258 -8.80 -3.41 -39.68
N ASP B 259 -10.01 -3.45 -39.18
CA ASP B 259 -10.80 -2.27 -39.08
C ASP B 259 -10.68 -1.66 -37.67
N VAL B 260 -9.57 -0.97 -37.50
CA VAL B 260 -9.18 -0.42 -36.22
C VAL B 260 -10.16 0.63 -35.71
N ALA B 261 -10.69 1.43 -36.62
CA ALA B 261 -11.67 2.44 -36.23
C ALA B 261 -12.87 1.74 -35.62
N LYS B 262 -13.34 0.68 -36.26
CA LYS B 262 -14.54 0.00 -35.73
C LYS B 262 -14.23 -0.59 -34.33
N ALA B 263 -13.04 -1.21 -34.21
CA ALA B 263 -12.61 -1.79 -32.92
C ALA B 263 -12.63 -0.68 -31.82
N ALA B 264 -12.17 0.51 -32.19
CA ALA B 264 -12.15 1.65 -31.29
C ALA B 264 -13.51 2.07 -30.87
N GLY B 265 -14.45 1.95 -31.77
CA GLY B 265 -15.88 2.20 -31.44
C GLY B 265 -16.39 1.31 -30.34
N TYR B 266 -16.17 0.01 -30.48
CA TYR B 266 -16.50 -0.96 -29.41
C TYR B 266 -15.76 -0.66 -28.10
N HIS B 267 -14.48 -0.30 -28.21
CA HIS B 267 -13.69 0.06 -27.07
C HIS B 267 -14.31 1.23 -26.28
N GLN B 268 -14.91 2.18 -26.99
CA GLN B 268 -15.53 3.31 -26.27
C GLN B 268 -16.62 2.85 -25.33
N THR B 269 -17.32 1.79 -25.74
CA THR B 269 -18.25 1.16 -24.86
C THR B 269 -17.64 0.43 -23.69
N LEU B 270 -16.67 -0.43 -24.00
CA LEU B 270 -15.99 -1.18 -22.96
C LEU B 270 -15.30 -0.28 -21.93
N LEU B 271 -14.85 0.90 -22.37
CA LEU B 271 -14.31 1.92 -21.42
C LEU B 271 -15.27 2.31 -20.35
N GLN B 272 -16.56 2.27 -20.67
CA GLN B 272 -17.58 2.74 -19.75
C GLN B 272 -18.14 1.67 -18.87
N ILE B 273 -18.15 0.44 -19.37
CA ILE B 273 -18.86 -0.65 -18.67
C ILE B 273 -18.42 -0.84 -17.22
N PRO B 274 -17.08 -0.71 -16.92
CA PRO B 274 -16.67 -1.04 -15.55
C PRO B 274 -17.16 -0.14 -14.43
N GLN B 275 -17.80 0.96 -14.74
CA GLN B 275 -18.50 1.69 -13.72
C GLN B 275 -19.44 0.80 -12.92
N MET B 276 -20.08 -0.14 -13.61
CA MET B 276 -21.13 -0.97 -12.98
C MET B 276 -20.58 -1.78 -11.86
N TYR B 277 -19.33 -2.18 -11.95
CA TYR B 277 -18.75 -3.00 -10.94
C TYR B 277 -18.57 -2.27 -9.60
N GLN B 278 -18.69 -0.95 -9.57
CA GLN B 278 -18.60 -0.24 -8.31
C GLN B 278 -19.89 -0.36 -7.51
N LEU B 279 -20.95 -0.94 -8.07
CA LEU B 279 -22.21 -0.95 -7.40
C LEU B 279 -22.22 -1.81 -6.14
N ASP B 280 -21.33 -2.81 -6.06
CA ASP B 280 -21.23 -3.63 -4.93
C ASP B 280 -19.92 -4.35 -4.95
N THR B 281 -19.58 -4.88 -3.79
CA THR B 281 -18.38 -5.66 -3.64
C THR B 281 -18.70 -6.77 -2.66
N PRO B 282 -18.63 -8.05 -3.10
CA PRO B 282 -18.31 -8.50 -4.48
C PRO B 282 -19.39 -8.07 -5.46
N PHE B 283 -19.01 -7.95 -6.72
CA PHE B 283 -19.97 -7.48 -7.73
C PHE B 283 -20.52 -8.60 -8.61
N VAL B 284 -20.38 -9.82 -8.12
CA VAL B 284 -21.01 -10.96 -8.76
C VAL B 284 -22.55 -10.85 -8.90
N ASN B 285 -23.19 -10.18 -7.96
CA ASN B 285 -24.59 -9.87 -8.05
C ASN B 285 -24.88 -8.98 -9.21
N VAL B 286 -24.03 -7.97 -9.39
CA VAL B 286 -24.22 -7.00 -10.48
C VAL B 286 -24.18 -7.72 -11.81
N ILE B 287 -23.19 -8.59 -11.98
CA ILE B 287 -23.09 -9.27 -13.25
C ILE B 287 -24.35 -10.08 -13.57
N LYS B 288 -24.87 -10.82 -12.61
CA LYS B 288 -26.10 -11.61 -12.84
C LYS B 288 -27.29 -10.74 -13.12
N GLU B 289 -27.37 -9.61 -12.42
CA GLU B 289 -28.51 -8.66 -12.67
C GLU B 289 -28.43 -8.12 -14.07
N ALA B 290 -27.19 -7.94 -14.57
CA ALA B 290 -27.00 -7.43 -15.93
C ALA B 290 -27.38 -8.47 -16.97
N ILE B 291 -27.06 -9.74 -16.68
CA ILE B 291 -27.51 -10.82 -17.56
C ILE B 291 -29.05 -10.77 -17.74
N VAL B 292 -29.78 -10.57 -16.64
CA VAL B 292 -31.22 -10.48 -16.66
C VAL B 292 -31.72 -9.26 -17.49
N LEU B 293 -31.18 -8.11 -17.16
CA LEU B 293 -31.50 -6.89 -17.86
C LEU B 293 -31.18 -6.95 -19.31
N CYS B 294 -30.17 -7.67 -19.69
CA CYS B 294 -29.83 -7.74 -21.13
C CYS B 294 -30.59 -8.87 -21.85
N GLY B 295 -31.53 -9.54 -21.20
CA GLY B 295 -32.47 -10.38 -21.92
C GLY B 295 -32.46 -11.86 -21.58
N ARG B 296 -31.68 -12.28 -20.58
CA ARG B 296 -31.64 -13.70 -20.18
C ARG B 296 -32.12 -13.86 -18.75
N PRO B 297 -33.38 -14.34 -18.54
CA PRO B 297 -33.94 -14.34 -17.18
C PRO B 297 -33.46 -15.52 -16.35
N VAL B 298 -32.46 -15.34 -15.54
CA VAL B 298 -31.90 -16.41 -14.71
C VAL B 298 -32.12 -15.91 -13.32
N SER B 299 -32.15 -16.82 -12.37
CA SER B 299 -32.04 -16.53 -10.96
C SER B 299 -30.69 -15.79 -10.71
N THR B 300 -30.73 -14.74 -9.90
CA THR B 300 -29.58 -13.94 -9.61
C THR B 300 -29.06 -14.20 -8.23
N HIS B 301 -29.51 -15.26 -7.57
CA HIS B 301 -28.97 -15.62 -6.29
C HIS B 301 -27.41 -15.68 -6.38
N VAL B 302 -26.81 -15.15 -5.34
CA VAL B 302 -25.36 -15.22 -5.13
C VAL B 302 -25.08 -15.86 -3.79
N LEU B 303 -23.88 -16.44 -3.64
CA LEU B 303 -23.50 -17.05 -2.39
C LEU B 303 -22.87 -16.06 -1.39
N PRO B 304 -23.11 -16.28 -0.11
CA PRO B 304 -22.57 -15.37 0.86
C PRO B 304 -21.02 -15.56 0.87
N PRO B 305 -20.25 -14.49 1.17
CA PRO B 305 -20.73 -13.19 1.72
C PRO B 305 -21.15 -12.13 0.72
N ALA B 306 -21.32 -12.51 -0.56
CA ALA B 306 -22.06 -11.65 -1.45
C ALA B 306 -23.51 -11.60 -1.00
N SER B 307 -24.25 -10.61 -1.50
CA SER B 307 -25.66 -10.47 -1.17
C SER B 307 -26.43 -9.89 -2.33
N PRO B 308 -27.79 -9.98 -2.29
CA PRO B 308 -28.61 -9.46 -3.42
C PRO B 308 -28.42 -7.98 -3.63
N LEU B 309 -28.38 -7.55 -4.88
CA LEU B 309 -28.28 -6.14 -5.17
C LEU B 309 -29.62 -5.47 -4.83
N ASP B 310 -29.61 -4.32 -4.17
CA ASP B 310 -30.85 -3.65 -3.78
C ASP B 310 -31.53 -3.04 -5.02
N GLU B 311 -32.80 -2.71 -4.90
CA GLU B 311 -33.52 -2.18 -6.12
C GLU B 311 -33.01 -0.88 -6.65
N PRO B 312 -32.62 0.06 -5.76
CA PRO B 312 -32.08 1.29 -6.33
C PRO B 312 -30.84 1.02 -7.19
N ARG B 313 -29.91 0.18 -6.69
CA ARG B 313 -28.74 -0.09 -7.49
C ARG B 313 -29.03 -0.94 -8.76
N LYS B 314 -30.05 -1.81 -8.72
CA LYS B 314 -30.50 -2.47 -9.93
C LYS B 314 -30.96 -1.46 -10.95
N ALA B 315 -31.68 -0.41 -10.51
CA ALA B 315 -32.11 0.63 -11.49
C ALA B 315 -30.94 1.39 -12.05
N GLN B 316 -29.97 1.69 -11.20
CA GLN B 316 -28.79 2.38 -11.63
C GLN B 316 -28.06 1.55 -12.71
N LEU B 317 -27.92 0.26 -12.43
CA LEU B 317 -27.34 -0.63 -13.40
C LEU B 317 -28.13 -0.57 -14.69
N LYS B 318 -29.44 -0.62 -14.58
CA LYS B 318 -30.29 -0.55 -15.78
C LYS B 318 -30.05 0.70 -16.58
N THR B 319 -29.92 1.84 -15.90
CA THR B 319 -29.68 3.13 -16.63
C THR B 319 -28.31 3.16 -17.29
N LEU B 320 -27.31 2.57 -16.64
CA LEU B 320 -26.01 2.42 -17.23
C LEU B 320 -26.07 1.60 -18.53
N LEU B 321 -26.70 0.45 -18.46
CA LEU B 321 -26.83 -0.43 -19.65
C LEU B 321 -27.64 0.28 -20.77
N GLN B 322 -28.67 1.01 -20.39
CA GLN B 322 -29.45 1.76 -21.36
C GLN B 322 -28.59 2.84 -22.01
N GLN B 323 -27.85 3.60 -21.23
CA GLN B 323 -27.01 4.62 -21.84
C GLN B 323 -25.99 4.07 -22.80
N LEU B 324 -25.52 2.86 -22.57
CA LEU B 324 -24.51 2.28 -23.47
C LEU B 324 -25.15 1.48 -24.59
N LYS B 325 -26.49 1.50 -24.63
CA LYS B 325 -27.26 0.77 -25.63
C LYS B 325 -27.08 -0.74 -25.60
N LEU B 326 -26.96 -1.32 -24.41
CA LEU B 326 -26.79 -2.78 -24.24
C LEU B 326 -28.04 -3.49 -23.78
N CYS B 327 -29.09 -2.73 -23.53
CA CYS B 327 -30.41 -3.30 -23.29
C CYS B 327 -31.47 -2.26 -23.64
N ALA C 30 29.22 5.80 20.81
CA ALA C 30 27.93 6.08 20.10
C ALA C 30 27.50 7.51 20.33
N LEU C 31 27.13 8.17 19.25
CA LEU C 31 26.81 9.58 19.28
C LEU C 31 25.29 9.82 19.29
N PHE C 32 24.89 10.88 19.95
CA PHE C 32 23.49 11.30 19.94
C PHE C 32 22.57 10.23 20.47
N THR C 33 22.96 9.66 21.58
CA THR C 33 22.09 8.69 22.25
C THR C 33 21.21 9.37 23.30
N GLY C 34 20.23 8.62 23.78
CA GLY C 34 19.38 9.07 24.85
C GLY C 34 18.12 9.81 24.36
N ILE C 35 17.70 10.81 25.08
CA ILE C 35 16.45 11.54 24.74
C ILE C 35 16.79 12.82 24.03
N ILE C 36 16.40 12.94 22.76
CA ILE C 36 16.69 14.09 21.96
C ILE C 36 15.44 14.59 21.30
N PRO C 37 14.77 15.57 21.93
CA PRO C 37 13.52 16.03 21.33
C PRO C 37 13.64 16.70 19.98
N PRO C 38 12.64 16.43 19.10
CA PRO C 38 12.47 17.17 17.89
C PRO C 38 11.73 18.46 18.27
N VAL C 39 12.52 19.49 18.55
CA VAL C 39 12.02 20.66 19.20
C VAL C 39 11.07 21.42 18.27
N SER C 40 9.96 21.88 18.81
CA SER C 40 9.03 22.65 18.04
C SER C 40 9.67 24.03 17.73
N THR C 41 9.43 24.57 16.55
CA THR C 41 9.82 25.90 16.21
C THR C 41 8.64 26.82 16.62
N ILE C 42 8.88 27.84 17.48
CA ILE C 42 7.82 28.77 17.90
C ILE C 42 7.84 29.99 16.97
N PHE C 43 6.66 30.32 16.41
CA PHE C 43 6.48 31.41 15.52
C PHE C 43 5.51 32.48 16.08
N THR C 44 5.74 33.70 15.64
CA THR C 44 4.73 34.77 15.80
C THR C 44 3.59 34.57 14.78
N ALA C 45 2.52 35.37 14.88
CA ALA C 45 1.41 35.25 14.04
C ALA C 45 1.75 35.49 12.56
N ASP C 46 2.82 36.18 12.27
CA ASP C 46 3.20 36.41 10.91
C ASP C 46 4.08 35.31 10.37
N GLY C 47 4.27 34.26 11.13
CA GLY C 47 5.04 33.12 10.63
C GLY C 47 6.55 33.30 10.71
N GLN C 48 7.04 34.27 11.48
CA GLN C 48 8.47 34.46 11.73
C GLN C 48 8.81 33.83 13.05
N LEU C 49 10.07 33.40 13.12
CA LEU C 49 10.63 32.86 14.35
C LEU C 49 10.41 33.72 15.60
N ASP C 50 9.87 33.09 16.65
CA ASP C 50 9.59 33.73 17.94
C ASP C 50 10.79 33.38 18.78
N LYS C 51 11.72 34.32 18.90
CA LYS C 51 12.97 33.98 19.65
C LYS C 51 12.78 33.78 21.14
N PRO C 52 12.12 34.72 21.84
CA PRO C 52 11.88 34.42 23.26
C PRO C 52 11.14 33.11 23.49
N GLY C 53 10.14 32.79 22.69
CA GLY C 53 9.38 31.55 22.98
C GLY C 53 10.21 30.29 22.66
N THR C 54 10.90 30.31 21.55
CA THR C 54 11.73 29.19 21.20
C THR C 54 12.83 29.02 22.23
N ALA C 55 13.42 30.13 22.69
CA ALA C 55 14.48 30.03 23.68
C ALA C 55 14.00 29.48 25.00
N ALA C 56 12.82 29.88 25.41
CA ALA C 56 12.28 29.39 26.66
C ALA C 56 12.08 27.88 26.56
N LEU C 57 11.58 27.44 25.40
CA LEU C 57 11.31 26.03 25.19
C LEU C 57 12.60 25.28 25.28
N ILE C 58 13.59 25.77 24.57
CA ILE C 58 14.92 25.15 24.62
C ILE C 58 15.44 25.06 26.07
N ASP C 59 15.29 26.15 26.83
CA ASP C 59 15.79 26.11 28.20
C ASP C 59 15.01 25.11 29.08
N ASP C 60 13.70 25.05 28.89
CA ASP C 60 12.89 24.10 29.64
C ASP C 60 13.42 22.68 29.39
N LEU C 61 13.67 22.35 28.12
CA LEU C 61 14.12 20.98 27.77
C LEU C 61 15.49 20.65 28.34
N ILE C 62 16.43 21.60 28.20
CA ILE C 62 17.75 21.41 28.81
C ILE C 62 17.63 21.20 30.31
N LYS C 63 16.85 22.04 30.95
CA LYS C 63 16.67 21.91 32.38
C LYS C 63 16.03 20.60 32.73
N ALA C 64 15.19 20.03 31.84
CA ALA C 64 14.57 18.74 32.11
C ALA C 64 15.53 17.58 31.97
N GLY C 65 16.73 17.82 31.49
CA GLY C 65 17.76 16.75 31.49
C GLY C 65 17.82 15.96 30.17
N VAL C 66 17.38 16.53 29.07
CA VAL C 66 17.50 15.83 27.77
C VAL C 66 18.97 15.71 27.37
N ASP C 67 19.29 14.77 26.49
CA ASP C 67 20.64 14.47 26.07
C ASP C 67 21.05 15.22 24.86
N GLY C 68 20.13 15.94 24.26
CA GLY C 68 20.45 16.64 23.01
C GLY C 68 19.18 17.32 22.51
N LEU C 69 19.32 18.12 21.46
CA LEU C 69 18.20 18.80 20.85
C LEU C 69 18.29 18.74 19.33
N PHE C 70 17.16 18.47 18.70
CA PHE C 70 17.06 18.34 17.25
C PHE C 70 16.09 19.40 16.74
N PHE C 71 16.61 20.33 15.96
CA PHE C 71 15.80 21.38 15.33
C PHE C 71 15.54 21.06 13.85
N LEU C 72 14.39 21.52 13.39
CA LEU C 72 13.96 21.40 12.00
C LEU C 72 13.78 19.92 11.56
N GLY C 73 13.32 19.09 12.52
CA GLY C 73 12.72 17.84 12.16
C GLY C 73 11.30 18.06 11.63
N SER C 74 10.59 16.94 11.44
CA SER C 74 9.21 17.01 10.96
C SER C 74 8.37 17.93 11.89
N GLY C 75 8.49 17.69 13.18
CA GLY C 75 7.70 18.44 14.16
C GLY C 75 8.18 19.91 14.28
N GLY C 76 9.41 20.18 13.84
CA GLY C 76 9.97 21.51 13.77
C GLY C 76 9.57 22.28 12.52
N GLU C 77 8.73 21.64 11.64
CA GLU C 77 8.11 22.22 10.44
C GLU C 77 9.07 22.56 9.29
N PHE C 78 10.14 21.76 9.13
CA PHE C 78 11.19 22.06 8.15
C PHE C 78 10.58 22.14 6.76
N SER C 79 9.58 21.27 6.45
CA SER C 79 9.02 21.18 5.14
C SER C 79 8.01 22.32 4.81
N GLN C 80 7.68 23.15 5.80
CA GLN C 80 6.88 24.39 5.52
C GLN C 80 7.69 25.68 5.60
N LEU C 81 9.02 25.53 5.74
CA LEU C 81 9.97 26.69 5.85
C LEU C 81 10.85 26.81 4.57
N GLY C 82 11.20 28.05 4.22
CA GLY C 82 12.14 28.30 3.15
C GLY C 82 13.54 28.13 3.62
N ALA C 83 14.46 27.93 2.67
CA ALA C 83 15.87 27.68 3.01
C ALA C 83 16.50 28.77 3.87
N GLU C 84 16.26 30.03 3.54
CA GLU C 84 16.81 31.16 4.38
C GLU C 84 16.22 31.19 5.76
N GLU C 85 14.93 30.86 5.85
CA GLU C 85 14.29 30.74 7.15
C GLU C 85 14.90 29.63 7.97
N ARG C 86 15.16 28.49 7.33
CA ARG C 86 15.78 27.36 8.01
C ARG C 86 17.16 27.73 8.53
N LYS C 87 17.91 28.44 7.72
CA LYS C 87 19.24 28.85 8.17
C LYS C 87 19.16 29.78 9.40
N ALA C 88 18.25 30.76 9.33
CA ALA C 88 18.09 31.66 10.49
C ALA C 88 17.69 30.95 11.76
N ILE C 89 16.81 29.96 11.62
CA ILE C 89 16.35 29.22 12.79
C ILE C 89 17.46 28.39 13.35
N ALA C 90 18.19 27.68 12.49
CA ALA C 90 19.28 26.84 12.96
C ALA C 90 20.34 27.66 13.72
N ARG C 91 20.67 28.80 13.16
CA ARG C 91 21.70 29.67 13.76
CA ARG C 91 21.70 29.68 13.76
C ARG C 91 21.25 30.11 15.15
N PHE C 92 20.03 30.61 15.21
CA PHE C 92 19.50 31.03 16.47
C PHE C 92 19.52 29.91 17.49
N ALA C 93 19.03 28.73 17.08
CA ALA C 93 18.89 27.65 18.05
C ALA C 93 20.26 27.20 18.56
N ILE C 94 21.20 27.04 17.63
CA ILE C 94 22.54 26.59 17.99
C ILE C 94 23.13 27.59 18.99
N ASP C 95 22.95 28.85 18.64
CA ASP C 95 23.54 29.91 19.47
C ASP C 95 22.91 29.95 20.83
N HIS C 96 21.57 29.80 20.91
CA HIS C 96 20.94 29.81 22.21
C HIS C 96 21.34 28.62 23.05
N VAL C 97 21.43 27.45 22.43
CA VAL C 97 21.85 26.29 23.19
C VAL C 97 23.28 26.45 23.77
N ASP C 98 24.15 27.11 23.03
CA ASP C 98 25.48 27.49 23.52
C ASP C 98 26.22 26.33 24.03
N ARG C 99 26.19 25.24 23.27
CA ARG C 99 26.88 24.02 23.65
C ARG C 99 26.49 23.34 24.97
N ARG C 100 25.37 23.68 25.57
CA ARG C 100 24.95 23.02 26.81
C ARG C 100 24.60 21.53 26.60
N VAL C 101 24.06 21.23 25.41
CA VAL C 101 23.84 19.84 24.98
C VAL C 101 24.13 19.75 23.49
N PRO C 102 24.38 18.53 22.98
CA PRO C 102 24.56 18.37 21.55
C PRO C 102 23.31 18.84 20.71
N VAL C 103 23.59 19.45 19.57
CA VAL C 103 22.57 20.01 18.69
C VAL C 103 22.63 19.35 17.30
N LEU C 104 21.47 18.85 16.88
CA LEU C 104 21.24 18.32 15.56
C LEU C 104 20.36 19.29 14.78
N ILE C 105 20.68 19.49 13.52
CA ILE C 105 19.89 20.21 12.59
C ILE C 105 19.41 19.36 11.42
N GLY C 106 18.09 19.39 11.21
CA GLY C 106 17.51 18.73 10.05
C GLY C 106 17.73 19.51 8.79
N THR C 107 18.45 18.93 7.81
CA THR C 107 18.83 19.69 6.64
C THR C 107 18.29 19.16 5.33
N GLY C 108 17.37 18.21 5.43
CA GLY C 108 16.87 17.51 4.22
C GLY C 108 15.70 18.16 3.54
N GLY C 109 15.29 17.50 2.43
CA GLY C 109 14.29 17.99 1.54
C GLY C 109 14.37 17.17 0.25
N THR C 110 13.87 17.78 -0.83
CA THR C 110 13.96 17.18 -2.16
C THR C 110 15.08 17.78 -2.99
N ASN C 111 15.37 19.03 -2.70
CA ASN C 111 16.39 19.80 -3.47
C ASN C 111 17.76 19.46 -2.84
N ALA C 112 18.47 18.57 -3.51
CA ALA C 112 19.71 18.04 -2.96
C ALA C 112 20.81 19.10 -2.87
N ARG C 113 20.84 20.04 -3.81
CA ARG C 113 21.81 21.14 -3.73
C ARG C 113 21.55 21.96 -2.48
N GLU C 114 20.28 22.12 -2.18
CA GLU C 114 19.92 22.80 -0.93
C GLU C 114 20.22 22.00 0.32
N THR C 115 20.09 20.68 0.23
CA THR C 115 20.50 19.90 1.35
C THR C 115 21.98 20.14 1.71
N ILE C 116 22.80 20.16 0.67
CA ILE C 116 24.21 20.38 0.89
C ILE C 116 24.45 21.80 1.48
N GLU C 117 23.79 22.78 0.93
CA GLU C 117 23.94 24.14 1.44
C GLU C 117 23.54 24.21 2.92
N LEU C 118 22.36 23.69 3.24
CA LEU C 118 21.85 23.75 4.59
C LEU C 118 22.76 22.96 5.54
N SER C 119 23.34 21.87 5.06
CA SER C 119 24.20 21.06 5.89
C SER C 119 25.54 21.78 6.17
N GLN C 120 26.12 22.37 5.13
CA GLN C 120 27.37 23.12 5.31
C GLN C 120 27.14 24.34 6.20
N HIS C 121 25.99 25.02 5.99
CA HIS C 121 25.57 26.12 6.85
C HIS C 121 25.46 25.70 8.31
N ALA C 122 24.87 24.51 8.55
CA ALA C 122 24.79 23.97 9.88
C ALA C 122 26.16 23.75 10.52
N GLN C 123 27.04 23.14 9.77
CA GLN C 123 28.36 22.90 10.28
C GLN C 123 29.00 24.28 10.62
N GLN C 124 28.96 25.20 9.70
CA GLN C 124 29.53 26.57 9.96
C GLN C 124 28.91 27.30 11.14
N ALA C 125 27.62 27.08 11.36
CA ALA C 125 26.93 27.68 12.44
C ALA C 125 27.16 27.00 13.76
N GLY C 126 27.89 25.90 13.79
CA GLY C 126 28.23 25.30 15.05
C GLY C 126 27.39 24.11 15.48
N ALA C 127 26.62 23.54 14.56
CA ALA C 127 25.85 22.32 14.91
C ALA C 127 26.79 21.16 15.27
N ASP C 128 26.34 20.22 16.08
CA ASP C 128 27.09 18.99 16.29
C ASP C 128 26.85 17.90 15.26
N GLY C 129 25.68 17.92 14.61
CA GLY C 129 25.40 16.91 13.59
C GLY C 129 24.18 17.34 12.80
N ILE C 130 23.95 16.62 11.69
CA ILE C 130 22.86 16.88 10.86
C ILE C 130 21.99 15.63 10.76
N VAL C 131 20.74 15.87 10.40
CA VAL C 131 19.76 14.76 10.27
C VAL C 131 19.13 14.86 8.90
N VAL C 132 19.26 13.84 8.08
CA VAL C 132 18.91 13.94 6.66
C VAL C 132 17.94 12.83 6.28
N ILE C 133 16.75 13.23 5.88
CA ILE C 133 15.73 12.32 5.34
C ILE C 133 15.98 12.03 3.88
N ASN C 134 15.36 10.93 3.38
CA ASN C 134 15.47 10.63 1.96
C ASN C 134 14.54 11.55 1.20
N PRO C 135 14.85 11.84 -0.07
CA PRO C 135 14.00 12.72 -0.87
C PRO C 135 12.63 12.09 -0.99
N TYR C 136 11.57 12.91 -0.86
CA TYR C 136 10.23 12.38 -0.60
C TYR C 136 9.23 12.82 -1.63
N TYR C 137 9.68 13.39 -2.71
CA TYR C 137 8.82 13.57 -3.88
C TYR C 137 9.03 12.31 -4.78
N TRP C 138 9.95 12.38 -5.73
CA TRP C 138 10.45 11.18 -6.37
C TRP C 138 11.01 10.25 -5.29
N LYS C 139 10.72 8.95 -5.42
CA LYS C 139 11.32 7.94 -4.58
C LYS C 139 12.45 7.44 -5.52
N VAL C 140 13.65 7.92 -5.28
CA VAL C 140 14.70 7.76 -6.29
C VAL C 140 15.23 6.33 -6.21
N SER C 141 15.84 5.90 -7.28
CA SER C 141 16.42 4.55 -7.38
C SER C 141 17.37 4.33 -6.24
N GLU C 142 17.62 3.07 -5.93
CA GLU C 142 18.57 2.74 -4.89
C GLU C 142 19.96 3.31 -5.19
N ALA C 143 20.39 3.29 -6.45
CA ALA C 143 21.71 3.84 -6.80
C ALA C 143 21.75 5.35 -6.54
N ASN C 144 20.67 6.04 -6.92
CA ASN C 144 20.58 7.49 -6.69
C ASN C 144 20.46 7.85 -5.23
N LEU C 145 19.84 6.97 -4.48
CA LEU C 145 19.59 7.21 -3.07
C LEU C 145 20.90 7.10 -2.31
N ILE C 146 21.62 6.06 -2.62
CA ILE C 146 22.94 5.84 -1.99
C ILE C 146 23.87 6.99 -2.33
N ARG C 147 23.92 7.34 -3.60
CA ARG C 147 24.77 8.43 -4.04
C ARG C 147 24.40 9.75 -3.32
N TYR C 148 23.10 10.01 -3.22
CA TYR C 148 22.63 11.20 -2.51
C TYR C 148 23.18 11.29 -1.11
N PHE C 149 22.98 10.23 -0.36
CA PHE C 149 23.43 10.20 1.01
C PHE C 149 24.97 10.28 1.12
N GLU C 150 25.65 9.63 0.19
CA GLU C 150 27.12 9.72 0.19
C GLU C 150 27.56 11.19 -0.06
N GLN C 151 26.97 11.84 -1.05
CA GLN C 151 27.30 13.22 -1.38
C GLN C 151 27.01 14.16 -0.23
N VAL C 152 25.88 13.95 0.45
CA VAL C 152 25.58 14.83 1.58
C VAL C 152 26.61 14.56 2.69
N ALA C 153 26.88 13.28 2.96
CA ALA C 153 27.84 12.98 4.01
C ALA C 153 29.26 13.54 3.68
N ASP C 154 29.60 13.50 2.41
CA ASP C 154 30.92 14.00 1.95
C ASP C 154 30.98 15.53 1.97
N SER C 155 29.85 16.21 2.17
CA SER C 155 29.83 17.68 2.12
C SER C 155 30.16 18.31 3.42
N VAL C 156 30.21 17.54 4.49
CA VAL C 156 30.48 18.06 5.77
C VAL C 156 31.46 17.13 6.48
N THR C 157 32.14 17.64 7.52
CA THR C 157 32.87 16.76 8.41
C THR C 157 32.11 16.46 9.66
N LEU C 158 30.82 16.75 9.72
CA LEU C 158 30.02 16.42 10.90
C LEU C 158 29.47 14.98 10.85
N PRO C 159 29.09 14.43 11.99
CA PRO C 159 28.27 13.23 12.00
C PRO C 159 26.89 13.45 11.32
N VAL C 160 26.45 12.45 10.59
CA VAL C 160 25.20 12.45 9.86
C VAL C 160 24.29 11.36 10.37
N MET C 161 23.10 11.76 10.77
CA MET C 161 22.05 10.88 11.20
C MET C 161 21.04 10.79 10.06
N LEU C 162 20.67 9.57 9.71
CA LEU C 162 19.66 9.36 8.70
C LEU C 162 18.31 9.55 9.36
N TYR C 163 17.34 9.86 8.54
CA TYR C 163 15.94 10.03 9.05
C TYR C 163 15.03 9.16 8.18
N ASN C 164 14.38 8.12 8.79
CA ASN C 164 13.44 7.31 8.10
C ASN C 164 12.07 7.64 8.56
N PHE C 165 11.18 8.03 7.65
CA PHE C 165 9.76 8.32 7.97
C PHE C 165 8.88 7.85 6.80
N PRO C 166 8.75 6.52 6.61
CA PRO C 166 8.14 6.03 5.39
C PRO C 166 6.68 6.39 5.19
N ALA C 167 5.95 6.56 6.28
CA ALA C 167 4.55 7.00 6.17
C ALA C 167 4.46 8.31 5.41
N LEU C 168 5.47 9.17 5.57
CA LEU C 168 5.48 10.41 4.84
C LEU C 168 6.29 10.40 3.56
N THR C 169 7.40 9.69 3.55
CA THR C 169 8.28 9.72 2.40
C THR C 169 7.80 8.81 1.30
N GLY C 170 7.04 7.77 1.66
CA GLY C 170 6.71 6.71 0.67
C GLY C 170 7.91 5.86 0.24
N GLN C 171 9.01 5.88 0.98
CA GLN C 171 10.15 5.04 0.63
C GLN C 171 10.88 4.71 1.88
N ASP C 172 10.85 3.44 2.23
CA ASP C 172 11.49 2.99 3.45
C ASP C 172 13.05 2.94 3.32
N LEU C 173 13.74 3.38 4.36
CA LEU C 173 15.15 3.13 4.49
C LEU C 173 15.24 1.77 5.24
N THR C 174 15.46 0.69 4.51
CA THR C 174 15.44 -0.60 5.03
C THR C 174 16.70 -0.84 5.85
N PRO C 175 16.64 -1.78 6.80
CA PRO C 175 17.88 -2.03 7.57
C PRO C 175 19.09 -2.38 6.63
N ALA C 176 18.82 -3.10 5.55
CA ALA C 176 19.90 -3.48 4.62
C ALA C 176 20.51 -2.24 3.97
N LEU C 177 19.67 -1.30 3.53
CA LEU C 177 20.12 -0.06 2.90
C LEU C 177 20.88 0.81 3.87
N VAL C 178 20.37 0.92 5.09
CA VAL C 178 21.06 1.70 6.12
C VAL C 178 22.43 1.07 6.38
N LYS C 179 22.47 -0.27 6.43
CA LYS C 179 23.77 -0.93 6.66
C LYS C 179 24.78 -0.58 5.55
N THR C 180 24.30 -0.64 4.32
CA THR C 180 25.11 -0.29 3.16
C THR C 180 25.63 1.15 3.27
N LEU C 181 24.76 2.06 3.75
CA LEU C 181 25.22 3.44 3.96
C LEU C 181 26.23 3.53 5.05
N ALA C 182 26.00 2.87 6.16
CA ALA C 182 26.98 2.91 7.25
C ALA C 182 28.35 2.26 6.83
N ASP C 183 28.28 1.23 6.00
CA ASP C 183 29.47 0.53 5.50
C ASP C 183 30.23 1.50 4.60
N SER C 184 29.51 2.35 3.88
CA SER C 184 30.10 3.20 2.90
C SER C 184 30.76 4.45 3.47
N ARG C 185 30.16 5.05 4.49
CA ARG C 185 30.66 6.32 5.02
C ARG C 185 30.74 6.33 6.51
N SER C 186 31.91 6.59 7.07
CA SER C 186 32.09 6.47 8.52
C SER C 186 31.46 7.59 9.30
N ASN C 187 31.02 8.65 8.65
CA ASN C 187 30.30 9.70 9.36
C ASN C 187 28.76 9.49 9.29
N ILE C 188 28.28 8.45 8.63
CA ILE C 188 26.87 8.13 8.70
C ILE C 188 26.70 7.25 9.93
N ILE C 189 26.24 7.85 11.03
CA ILE C 189 26.45 7.21 12.36
C ILE C 189 25.19 6.90 13.14
N GLY C 190 24.05 7.14 12.55
CA GLY C 190 22.80 6.78 13.24
C GLY C 190 21.57 7.00 12.40
N ILE C 191 20.43 6.70 13.00
CA ILE C 191 19.14 6.85 12.35
C ILE C 191 18.02 7.19 13.35
N LYS C 192 17.15 8.09 12.92
CA LYS C 192 15.83 8.31 13.58
C LYS C 192 14.82 7.47 12.78
N ASP C 193 14.42 6.34 13.35
CA ASP C 193 13.60 5.38 12.64
C ASP C 193 12.18 5.61 13.11
N THR C 194 11.44 6.34 12.28
CA THR C 194 10.13 6.89 12.63
C THR C 194 9.04 6.03 11.97
N ILE C 195 8.65 5.00 12.71
CA ILE C 195 7.77 3.99 12.20
C ILE C 195 7.12 3.23 13.39
N ASP C 196 5.84 2.88 13.25
CA ASP C 196 5.17 2.17 14.32
C ASP C 196 5.37 0.65 13.98
N SER C 197 6.60 0.17 14.19
CA SER C 197 6.96 -1.22 13.86
C SER C 197 8.08 -1.69 14.77
N VAL C 198 7.75 -2.64 15.63
CA VAL C 198 8.79 -3.33 16.42
C VAL C 198 9.74 -4.08 15.50
N ALA C 199 9.22 -4.70 14.44
CA ALA C 199 10.04 -5.50 13.55
C ALA C 199 11.09 -4.61 12.88
N HIS C 200 10.69 -3.41 12.49
CA HIS C 200 11.59 -2.50 11.80
C HIS C 200 12.72 -2.06 12.71
N LEU C 201 12.40 -1.71 13.95
CA LEU C 201 13.39 -1.33 14.93
C LEU C 201 14.35 -2.47 15.29
N ARG C 202 13.78 -3.64 15.55
CA ARG C 202 14.55 -4.80 15.85
C ARG C 202 15.55 -5.08 14.74
N SER C 203 15.06 -5.10 13.51
CA SER C 203 15.89 -5.49 12.38
C SER C 203 16.96 -4.37 12.11
N MET C 204 16.60 -3.10 12.32
CA MET C 204 17.54 -2.01 12.18
C MET C 204 18.69 -2.20 13.17
N ILE C 205 18.35 -2.51 14.41
CA ILE C 205 19.33 -2.75 15.42
C ILE C 205 20.19 -3.98 15.10
N HIS C 206 19.58 -5.12 14.85
CA HIS C 206 20.36 -6.37 14.52
C HIS C 206 21.21 -6.22 13.28
N THR C 207 20.66 -5.66 12.22
CA THR C 207 21.38 -5.58 10.94
C THR C 207 22.43 -4.48 11.02
N VAL C 208 22.10 -3.27 11.50
CA VAL C 208 23.06 -2.21 11.41
C VAL C 208 23.99 -2.22 12.61
N LYS C 209 23.44 -2.33 13.82
CA LYS C 209 24.32 -2.33 15.00
C LYS C 209 25.14 -3.58 15.13
N GLY C 210 24.61 -4.68 14.61
CA GLY C 210 25.37 -5.91 14.48
C GLY C 210 26.64 -5.66 13.69
N ALA C 211 26.58 -4.87 12.63
CA ALA C 211 27.76 -4.58 11.85
C ALA C 211 28.53 -3.40 12.37
N HIS C 212 27.88 -2.49 13.11
CA HIS C 212 28.46 -1.21 13.53
C HIS C 212 27.96 -0.96 14.93
N PRO C 213 28.62 -1.51 15.94
CA PRO C 213 28.06 -1.50 17.30
C PRO C 213 27.82 -0.12 17.85
N HIS C 214 28.54 0.86 17.34
CA HIS C 214 28.32 2.22 17.82
C HIS C 214 27.39 3.09 16.98
N PHE C 215 26.76 2.50 15.96
CA PHE C 215 25.72 3.18 15.19
C PHE C 215 24.53 3.41 16.10
N THR C 216 24.00 4.62 16.09
CA THR C 216 22.92 4.97 16.98
C THR C 216 21.52 4.77 16.40
N VAL C 217 20.70 4.00 17.09
CA VAL C 217 19.32 3.76 16.65
C VAL C 217 18.35 4.41 17.64
N LEU C 218 17.67 5.45 17.15
CA LEU C 218 16.66 6.20 17.92
C LEU C 218 15.31 6.00 17.28
N CYS C 219 14.27 5.72 18.06
CA CYS C 219 12.94 5.57 17.47
C CYS C 219 12.36 6.94 17.38
N GLY C 220 11.42 7.12 16.47
CA GLY C 220 10.81 8.41 16.33
C GLY C 220 9.47 8.56 16.97
N TYR C 221 8.96 7.49 17.55
CA TYR C 221 7.70 7.53 18.29
C TYR C 221 7.82 7.22 19.78
N ASP C 222 7.01 7.92 20.58
CA ASP C 222 7.08 7.91 22.06
C ASP C 222 6.84 6.50 22.59
N ASP C 223 5.93 5.80 21.95
CA ASP C 223 5.52 4.51 22.47
C ASP C 223 6.45 3.38 22.07
N HIS C 224 7.57 3.71 21.44
CA HIS C 224 8.59 2.71 21.11
C HIS C 224 9.93 2.87 21.83
N LEU C 225 10.04 3.89 22.67
CA LEU C 225 11.28 4.14 23.46
C LEU C 225 11.66 2.95 24.31
N PHE C 226 10.73 2.43 25.11
CA PHE C 226 11.05 1.35 26.02
C PHE C 226 11.49 0.09 25.25
N ASN C 227 10.76 -0.24 24.19
CA ASN C 227 11.15 -1.38 23.40
C ASN C 227 12.49 -1.16 22.73
N THR C 228 12.71 0.06 22.25
CA THR C 228 13.94 0.36 21.57
C THR C 228 15.11 0.09 22.52
N LEU C 229 15.02 0.52 23.78
CA LEU C 229 16.07 0.28 24.72
C LEU C 229 16.24 -1.22 24.98
N LEU C 230 15.14 -1.94 25.21
CA LEU C 230 15.19 -3.38 25.45
C LEU C 230 15.72 -4.19 24.31
N LEU C 231 15.54 -3.67 23.07
CA LEU C 231 16.11 -4.27 21.88
C LEU C 231 17.61 -4.03 21.67
N GLY C 232 18.22 -3.17 22.45
CA GLY C 232 19.62 -2.80 22.24
C GLY C 232 19.85 -1.51 21.47
N GLY C 233 18.78 -0.74 21.20
CA GLY C 233 18.89 0.55 20.65
C GLY C 233 19.18 1.64 21.70
N ASP C 234 19.09 2.90 21.25
CA ASP C 234 19.82 3.98 21.96
C ASP C 234 18.98 5.13 22.51
N GLY C 235 17.69 5.16 22.18
CA GLY C 235 16.86 6.28 22.63
C GLY C 235 15.76 6.64 21.66
N ALA C 236 15.32 7.90 21.79
CA ALA C 236 14.19 8.43 21.06
C ALA C 236 14.25 9.92 20.76
N ILE C 237 13.79 10.26 19.56
CA ILE C 237 13.55 11.58 19.13
C ILE C 237 12.07 11.61 18.86
N SER C 238 11.29 12.03 19.84
CA SER C 238 9.81 11.91 19.72
C SER C 238 9.10 13.12 20.28
N ALA C 239 7.92 13.39 19.74
CA ALA C 239 7.29 14.70 19.92
C ALA C 239 6.98 15.09 21.38
N SER C 240 6.73 14.08 22.23
CA SER C 240 6.39 14.33 23.65
C SER C 240 7.57 14.84 24.44
N GLY C 241 8.76 14.75 23.87
CA GLY C 241 9.88 15.46 24.34
C GLY C 241 9.65 16.96 24.55
N ASN C 242 8.81 17.55 23.71
CA ASN C 242 8.53 18.97 23.83
C ASN C 242 7.69 19.38 25.03
N PHE C 243 6.70 18.57 25.43
CA PHE C 243 5.78 18.96 26.48
C PHE C 243 5.83 18.11 27.72
N ALA C 244 6.44 16.94 27.61
CA ALA C 244 6.62 16.08 28.76
C ALA C 244 7.99 15.39 28.73
N PRO C 245 9.05 16.18 28.62
CA PRO C 245 10.37 15.53 28.50
C PRO C 245 10.74 14.66 29.68
N GLN C 246 10.24 15.04 30.86
CA GLN C 246 10.55 14.33 32.09
C GLN C 246 10.16 12.85 32.02
N VAL C 247 9.11 12.54 31.27
CA VAL C 247 8.68 11.16 31.16
C VAL C 247 9.76 10.32 30.47
N SER C 248 10.26 10.78 29.35
CA SER C 248 11.29 10.03 28.61
C SER C 248 12.65 10.08 29.34
N VAL C 249 13.01 11.27 29.85
CA VAL C 249 14.26 11.43 30.61
C VAL C 249 14.29 10.47 31.85
N ASN C 250 13.19 10.39 32.58
CA ASN C 250 13.08 9.53 33.73
C ASN C 250 13.02 8.06 33.37
N LEU C 251 12.33 7.73 32.28
CA LEU C 251 12.38 6.38 31.75
C LEU C 251 13.81 5.99 31.48
N LEU C 252 14.54 6.80 30.76
CA LEU C 252 15.90 6.46 30.40
C LEU C 252 16.83 6.32 31.62
N LYS C 253 16.70 7.26 32.55
CA LYS C 253 17.47 7.20 33.79
C LYS C 253 17.17 5.92 34.57
N ALA C 254 15.89 5.60 34.74
CA ALA C 254 15.51 4.38 35.44
C ALA C 254 16.07 3.15 34.74
N TRP C 255 15.98 3.11 33.42
CA TRP C 255 16.57 2.02 32.66
C TRP C 255 18.09 1.93 32.90
N ARG C 256 18.80 3.03 32.78
CA ARG C 256 20.25 3.00 33.00
C ARG C 256 20.58 2.62 34.44
N ASP C 257 19.72 2.98 35.41
CA ASP C 257 19.99 2.67 36.80
C ASP C 257 19.59 1.24 37.10
N GLY C 258 19.03 0.53 36.14
CA GLY C 258 18.59 -0.81 36.41
C GLY C 258 17.25 -0.93 37.09
N ASP C 259 16.49 0.14 37.18
CA ASP C 259 15.17 0.03 37.77
C ASP C 259 14.07 -0.12 36.68
N VAL C 260 13.98 -1.34 36.18
CA VAL C 260 13.14 -1.66 35.03
C VAL C 260 11.68 -1.46 35.31
N ALA C 261 11.27 -1.72 36.56
CA ALA C 261 9.86 -1.53 36.91
C ALA C 261 9.50 -0.07 36.80
N LYS C 262 10.41 0.80 37.25
CA LYS C 262 10.15 2.21 37.21
C LYS C 262 10.09 2.71 35.75
N ALA C 263 11.05 2.24 34.94
CA ALA C 263 11.06 2.51 33.51
C ALA C 263 9.75 2.12 32.83
N ALA C 264 9.22 0.96 33.21
CA ALA C 264 8.00 0.42 32.63
C ALA C 264 6.83 1.28 33.03
N GLY C 265 6.90 1.85 34.24
CA GLY C 265 5.89 2.81 34.68
C GLY C 265 5.81 4.07 33.81
N TYR C 266 6.96 4.67 33.55
CA TYR C 266 7.02 5.75 32.56
C TYR C 266 6.56 5.31 31.13
N HIS C 267 6.93 4.12 30.73
CA HIS C 267 6.48 3.60 29.45
C HIS C 267 4.96 3.55 29.34
N GLN C 268 4.27 3.20 30.44
CA GLN C 268 2.83 3.12 30.40
C GLN C 268 2.24 4.45 30.01
N THR C 269 2.86 5.52 30.46
CA THR C 269 2.43 6.85 30.07
C THR C 269 2.74 7.17 28.60
N LEU C 270 3.98 6.89 28.17
CA LEU C 270 4.34 7.02 26.76
C LEU C 270 3.49 6.19 25.78
N LEU C 271 3.01 5.02 26.21
CA LEU C 271 2.09 4.24 25.43
C LEU C 271 0.81 4.95 25.13
N GLN C 272 0.37 5.82 26.03
CA GLN C 272 -0.91 6.50 25.89
C GLN C 272 -0.84 7.81 25.17
N ILE C 273 0.30 8.47 25.26
CA ILE C 273 0.43 9.84 24.74
C ILE C 273 0.05 9.97 23.27
N PRO C 274 0.42 9.00 22.41
CA PRO C 274 0.15 9.24 21.00
C PRO C 274 -1.31 9.33 20.54
N GLN C 275 -2.30 9.00 21.38
CA GLN C 275 -3.68 9.22 21.03
C GLN C 275 -3.96 10.69 20.70
N MET C 276 -3.24 11.61 21.35
CA MET C 276 -3.42 13.02 21.05
C MET C 276 -3.06 13.38 19.59
N TYR C 277 -2.12 12.68 18.99
CA TYR C 277 -1.68 13.05 17.65
C TYR C 277 -2.80 12.79 16.61
N GLN C 278 -3.86 12.09 16.99
CA GLN C 278 -4.97 11.85 16.05
C GLN C 278 -5.85 13.09 15.97
N LEU C 279 -5.61 14.10 16.83
CA LEU C 279 -6.52 15.22 16.88
C LEU C 279 -6.45 16.07 15.61
N ASP C 280 -5.34 16.03 14.89
CA ASP C 280 -5.24 16.70 13.62
C ASP C 280 -4.10 16.15 12.80
N THR C 281 -4.09 16.49 11.51
CA THR C 281 -3.00 16.16 10.62
C THR C 281 -2.73 17.29 9.69
N PRO C 282 -1.52 17.87 9.72
CA PRO C 282 -0.40 17.60 10.65
C PRO C 282 -0.75 17.92 12.11
N PHE C 283 -0.06 17.29 13.02
CA PHE C 283 -0.33 17.46 14.45
C PHE C 283 0.70 18.33 15.13
N VAL C 284 1.48 19.12 14.36
CA VAL C 284 2.40 20.13 14.91
C VAL C 284 1.64 21.16 15.82
N ASN C 285 0.38 21.37 15.54
CA ASN C 285 -0.48 22.24 16.34
C ASN C 285 -0.74 21.64 17.69
N VAL C 286 -1.06 20.35 17.70
CA VAL C 286 -1.34 19.62 18.93
C VAL C 286 -0.13 19.67 19.86
N ILE C 287 1.05 19.48 19.30
CA ILE C 287 2.26 19.49 20.12
C ILE C 287 2.44 20.86 20.81
N LYS C 288 2.31 21.92 20.07
CA LYS C 288 2.45 23.27 20.66
C LYS C 288 1.37 23.52 21.71
N GLU C 289 0.13 23.05 21.45
CA GLU C 289 -0.97 23.31 22.41
C GLU C 289 -0.69 22.56 23.68
N ALA C 290 -0.03 21.40 23.56
CA ALA C 290 0.34 20.60 24.70
C ALA C 290 1.47 21.28 25.49
N ILE C 291 2.40 21.94 24.79
CA ILE C 291 3.46 22.73 25.49
C ILE C 291 2.82 23.79 26.39
N VAL C 292 1.83 24.50 25.85
CA VAL C 292 1.08 25.48 26.60
C VAL C 292 0.36 24.88 27.81
N LEU C 293 -0.44 23.87 27.53
CA LEU C 293 -1.18 23.21 28.58
C LEU C 293 -0.29 22.62 29.68
N CYS C 294 0.93 22.21 29.35
CA CYS C 294 1.82 21.65 30.37
C CYS C 294 2.64 22.73 31.05
N GLY C 295 2.38 24.00 30.80
CA GLY C 295 2.89 25.05 31.65
C GLY C 295 3.87 26.02 31.00
N ARG C 296 4.11 25.92 29.70
CA ARG C 296 5.00 26.85 29.01
C ARG C 296 4.25 27.68 27.94
N PRO C 297 3.99 28.98 28.23
CA PRO C 297 3.07 29.72 27.34
C PRO C 297 3.82 30.25 26.16
N VAL C 298 3.80 29.53 25.06
CA VAL C 298 4.42 29.97 23.81
C VAL C 298 3.30 30.14 22.83
N SER C 299 3.51 30.94 21.82
CA SER C 299 2.58 31.00 20.71
C SER C 299 2.46 29.66 20.07
N THR C 300 1.23 29.29 19.67
CA THR C 300 1.00 28.02 19.08
C THR C 300 0.84 28.12 17.55
N HIS C 301 1.17 29.27 16.96
CA HIS C 301 1.06 29.45 15.53
C HIS C 301 1.85 28.33 14.78
N VAL C 302 1.23 27.83 13.70
CA VAL C 302 1.85 26.82 12.83
C VAL C 302 1.73 27.28 11.38
N LEU C 303 2.67 26.80 10.56
CA LEU C 303 2.73 27.25 9.22
C LEU C 303 1.79 26.45 8.35
N PRO C 304 1.20 27.10 7.33
CA PRO C 304 0.38 26.40 6.42
C PRO C 304 1.23 25.39 5.66
N PRO C 305 0.63 24.24 5.34
CA PRO C 305 -0.83 23.95 5.36
C PRO C 305 -1.34 23.37 6.66
N ALA C 306 -0.53 23.40 7.72
CA ALA C 306 -1.10 23.15 9.06
C ALA C 306 -2.00 24.33 9.44
N SER C 307 -2.84 24.13 10.44
CA SER C 307 -3.77 25.19 10.85
C SER C 307 -4.04 25.08 12.32
N PRO C 308 -4.61 26.14 12.93
CA PRO C 308 -4.85 26.14 14.37
C PRO C 308 -5.75 25.00 14.84
N LEU C 309 -5.47 24.40 15.98
CA LEU C 309 -6.35 23.42 16.54
C LEU C 309 -7.63 24.12 17.07
N ASP C 310 -8.80 23.57 16.83
CA ASP C 310 -10.05 24.22 17.21
C ASP C 310 -10.26 24.07 18.76
N GLU C 311 -11.13 24.90 19.33
CA GLU C 311 -11.30 24.84 20.80
C GLU C 311 -11.80 23.50 21.33
N PRO C 312 -12.74 22.86 20.63
CA PRO C 312 -13.18 21.54 21.18
C PRO C 312 -12.04 20.56 21.28
N ARG C 313 -11.23 20.46 20.21
CA ARG C 313 -10.10 19.56 20.26
C ARG C 313 -9.00 19.98 21.25
N LYS C 314 -8.81 21.29 21.45
CA LYS C 314 -7.91 21.75 22.55
C LYS C 314 -8.42 21.23 23.91
N ALA C 315 -9.76 21.25 24.14
CA ALA C 315 -10.29 20.78 25.45
C ALA C 315 -10.08 19.28 25.59
N GLN C 316 -10.27 18.57 24.48
CA GLN C 316 -10.00 17.13 24.47
C GLN C 316 -8.53 16.81 24.81
N LEU C 317 -7.63 17.57 24.19
CA LEU C 317 -6.21 17.42 24.48
C LEU C 317 -5.98 17.68 26.01
N LYS C 318 -6.59 18.73 26.54
CA LYS C 318 -6.41 19.08 27.92
C LYS C 318 -6.86 17.93 28.84
N THR C 319 -7.99 17.32 28.53
CA THR C 319 -8.49 16.21 29.31
C THR C 319 -7.52 15.02 29.26
N LEU C 320 -7.02 14.75 28.05
CA LEU C 320 -6.03 13.68 27.96
C LEU C 320 -4.76 13.89 28.82
N LEU C 321 -4.20 15.08 28.73
CA LEU C 321 -3.04 15.41 29.52
C LEU C 321 -3.31 15.33 31.02
N GLN C 322 -4.51 15.74 31.40
CA GLN C 322 -4.95 15.61 32.79
C GLN C 322 -5.06 14.14 33.21
N GLN C 323 -5.71 13.32 32.43
CA GLN C 323 -5.76 11.91 32.74
C GLN C 323 -4.40 11.23 32.83
N LEU C 324 -3.39 11.69 32.13
CA LEU C 324 -2.08 11.08 32.21
C LEU C 324 -1.22 11.76 33.24
N LYS C 325 -1.79 12.74 33.93
CA LYS C 325 -1.08 13.49 34.98
C LYS C 325 0.10 14.27 34.48
N LEU C 326 -0.03 14.90 33.32
CA LEU C 326 1.04 15.72 32.74
C LEU C 326 0.79 17.23 32.82
N CYS C 327 -0.40 17.62 33.31
CA CYS C 327 -0.72 19.02 33.58
C CYS C 327 -1.88 19.18 34.55
N ALA D 30 -13.75 25.50 -22.05
CA ALA D 30 -12.72 24.70 -21.27
C ALA D 30 -11.34 25.22 -21.54
N LEU D 31 -10.56 25.37 -20.48
CA LEU D 31 -9.24 25.97 -20.63
C LEU D 31 -8.12 24.94 -20.57
N PHE D 32 -7.04 25.23 -21.27
CA PHE D 32 -5.87 24.33 -21.23
C PHE D 32 -6.21 22.91 -21.68
N THR D 33 -7.01 22.81 -22.74
CA THR D 33 -7.22 21.55 -23.37
C THR D 33 -6.15 21.21 -24.43
N GLY D 34 -6.15 19.94 -24.86
CA GLY D 34 -5.25 19.48 -25.87
C GLY D 34 -3.92 18.97 -25.38
N ILE D 35 -2.87 19.22 -26.15
CA ILE D 35 -1.54 18.69 -25.84
C ILE D 35 -0.67 19.75 -25.25
N ILE D 36 -0.31 19.59 -23.98
CA ILE D 36 0.46 20.57 -23.25
C ILE D 36 1.64 19.91 -22.58
N PRO D 37 2.81 19.99 -23.18
CA PRO D 37 3.92 19.27 -22.60
C PRO D 37 4.41 19.82 -21.29
N PRO D 38 4.85 18.92 -20.38
CA PRO D 38 5.57 19.31 -19.22
C PRO D 38 7.01 19.51 -19.64
N VAL D 39 7.33 20.76 -19.99
CA VAL D 39 8.61 21.04 -20.66
C VAL D 39 9.78 20.75 -19.73
N SER D 40 10.83 20.14 -20.24
CA SER D 40 12.04 19.98 -19.51
C SER D 40 12.73 21.36 -19.36
N THR D 41 13.31 21.61 -18.23
CA THR D 41 14.15 22.77 -17.98
C THR D 41 15.58 22.36 -18.39
N ILE D 42 16.19 23.08 -19.32
CA ILE D 42 17.56 22.75 -19.74
C ILE D 42 18.57 23.49 -18.89
N PHE D 43 19.54 22.75 -18.32
CA PHE D 43 20.59 23.30 -17.53
C PHE D 43 21.92 23.11 -18.21
N THR D 44 22.84 24.03 -17.94
CA THR D 44 24.23 23.89 -18.43
C THR D 44 24.97 22.83 -17.61
N ALA D 45 26.15 22.43 -18.08
CA ALA D 45 26.98 21.48 -17.41
C ALA D 45 27.33 21.94 -16.02
N ASP D 46 27.29 23.25 -15.77
CA ASP D 46 27.52 23.77 -14.40
C ASP D 46 26.22 24.03 -13.65
N GLY D 47 25.11 23.44 -14.10
CA GLY D 47 23.90 23.50 -13.35
C GLY D 47 23.15 24.85 -13.32
N GLN D 48 23.41 25.72 -14.29
CA GLN D 48 22.65 26.98 -14.42
C GLN D 48 21.57 26.79 -15.50
N LEU D 49 20.49 27.58 -15.46
CA LEU D 49 19.47 27.61 -16.51
C LEU D 49 20.21 27.86 -17.85
N ASP D 50 19.92 27.03 -18.83
CA ASP D 50 20.49 27.10 -20.11
C ASP D 50 19.45 27.80 -20.97
N LYS D 51 19.62 29.10 -21.15
CA LYS D 51 18.59 29.86 -21.84
C LYS D 51 18.51 29.54 -23.32
N PRO D 52 19.65 29.56 -24.05
CA PRO D 52 19.53 29.16 -25.44
C PRO D 52 18.89 27.76 -25.64
N GLY D 53 19.28 26.77 -24.84
CA GLY D 53 18.71 25.43 -25.06
C GLY D 53 17.25 25.35 -24.67
N THR D 54 16.87 25.98 -23.53
CA THR D 54 15.47 25.95 -23.13
C THR D 54 14.63 26.68 -24.14
N ALA D 55 15.16 27.80 -24.67
CA ALA D 55 14.43 28.54 -25.71
C ALA D 55 14.27 27.75 -26.97
N ALA D 56 15.31 27.03 -27.37
CA ALA D 56 15.19 26.25 -28.60
C ALA D 56 14.13 25.12 -28.43
N LEU D 57 14.09 24.51 -27.23
CA LEU D 57 13.11 23.47 -26.92
C LEU D 57 11.73 24.04 -26.98
N ILE D 58 11.58 25.19 -26.34
CA ILE D 58 10.26 25.84 -26.41
C ILE D 58 9.87 26.07 -27.86
N ASP D 59 10.78 26.62 -28.66
CA ASP D 59 10.38 26.92 -30.05
C ASP D 59 10.07 25.67 -30.84
N ASP D 60 10.84 24.59 -30.64
CA ASP D 60 10.49 23.28 -31.30
C ASP D 60 9.06 22.85 -31.00
N LEU D 61 8.68 22.94 -29.72
CA LEU D 61 7.34 22.46 -29.30
C LEU D 61 6.24 23.31 -29.88
N ILE D 62 6.42 24.64 -29.84
CA ILE D 62 5.44 25.55 -30.49
C ILE D 62 5.30 25.21 -31.95
N LYS D 63 6.42 25.08 -32.64
CA LYS D 63 6.40 24.76 -34.08
C LYS D 63 5.66 23.43 -34.32
N ALA D 64 5.75 22.48 -33.38
CA ALA D 64 5.09 21.20 -33.52
C ALA D 64 3.58 21.27 -33.35
N GLY D 65 3.04 22.39 -32.90
CA GLY D 65 1.59 22.54 -32.88
C GLY D 65 0.94 22.22 -31.52
N VAL D 66 1.71 22.30 -30.43
CA VAL D 66 1.13 22.01 -29.10
C VAL D 66 0.16 23.11 -28.74
N ASP D 67 -0.77 22.80 -27.83
CA ASP D 67 -1.80 23.71 -27.41
C ASP D 67 -1.40 24.59 -26.25
N GLY D 68 -0.23 24.36 -25.68
CA GLY D 68 0.20 25.10 -24.50
C GLY D 68 1.50 24.52 -24.01
N LEU D 69 2.09 25.16 -23.00
CA LEU D 69 3.34 24.70 -22.41
C LEU D 69 3.33 24.83 -20.91
N PHE D 70 3.83 23.80 -20.23
CA PHE D 70 3.78 23.72 -18.80
C PHE D 70 5.18 23.63 -18.28
N PHE D 71 5.61 24.66 -17.58
CA PHE D 71 6.95 24.72 -17.02
C PHE D 71 6.91 24.41 -15.53
N LEU D 72 7.99 23.79 -15.08
CA LEU D 72 8.15 23.47 -13.67
C LEU D 72 7.10 22.48 -13.19
N GLY D 73 6.76 21.53 -14.08
CA GLY D 73 6.18 20.24 -13.63
C GLY D 73 7.20 19.28 -13.04
N SER D 74 6.76 18.06 -12.79
CA SER D 74 7.63 17.00 -12.26
C SER D 74 8.85 16.86 -13.16
N GLY D 75 8.57 16.73 -14.44
CA GLY D 75 9.66 16.54 -15.41
C GLY D 75 10.54 17.82 -15.62
N GLY D 76 9.98 18.98 -15.26
CA GLY D 76 10.70 20.26 -15.26
C GLY D 76 11.56 20.48 -14.07
N GLU D 77 11.58 19.50 -13.17
CA GLU D 77 12.45 19.45 -12.01
C GLU D 77 12.12 20.45 -10.88
N PHE D 78 10.85 20.79 -10.72
CA PHE D 78 10.49 21.81 -9.74
C PHE D 78 10.97 21.47 -8.38
N SER D 79 10.96 20.17 -8.08
CA SER D 79 11.24 19.76 -6.74
C SER D 79 12.73 19.78 -6.37
N GLN D 80 13.58 19.90 -7.40
CA GLN D 80 15.01 20.00 -7.18
C GLN D 80 15.52 21.45 -7.28
N LEU D 81 14.60 22.43 -7.37
CA LEU D 81 14.94 23.86 -7.63
C LEU D 81 14.52 24.68 -6.42
N GLY D 82 15.28 25.73 -6.13
CA GLY D 82 14.90 26.65 -5.06
C GLY D 82 13.89 27.64 -5.61
N ALA D 83 13.19 28.27 -4.69
CA ALA D 83 12.15 29.22 -5.07
C ALA D 83 12.65 30.31 -6.01
N GLU D 84 13.81 30.91 -5.70
CA GLU D 84 14.33 32.01 -6.57
C GLU D 84 14.68 31.51 -7.96
N GLU D 85 15.29 30.34 -8.00
CA GLU D 85 15.49 29.66 -9.27
C GLU D 85 14.21 29.42 -10.03
N ARG D 86 13.17 28.93 -9.36
CA ARG D 86 11.86 28.72 -10.05
C ARG D 86 11.29 30.01 -10.60
N LYS D 87 11.36 31.10 -9.80
CA LYS D 87 10.90 32.38 -10.31
C LYS D 87 11.65 32.76 -11.56
N ALA D 88 13.00 32.66 -11.53
CA ALA D 88 13.80 33.07 -12.68
C ALA D 88 13.49 32.22 -13.91
N ILE D 89 13.30 30.91 -13.70
CA ILE D 89 12.94 30.04 -14.84
C ILE D 89 11.53 30.37 -15.43
N ALA D 90 10.58 30.60 -14.57
CA ALA D 90 9.23 30.95 -15.00
C ALA D 90 9.25 32.26 -15.82
N ARG D 91 9.94 33.27 -15.30
CA ARG D 91 9.96 34.59 -15.99
C ARG D 91 10.61 34.44 -17.35
N PHE D 92 11.75 33.74 -17.39
CA PHE D 92 12.38 33.46 -18.65
C PHE D 92 11.44 32.77 -19.63
N ALA D 93 10.80 31.71 -19.17
CA ALA D 93 9.95 30.91 -20.08
C ALA D 93 8.76 31.66 -20.59
N ILE D 94 8.10 32.36 -19.67
CA ILE D 94 6.92 33.17 -20.04
C ILE D 94 7.35 34.18 -21.11
N ASP D 95 8.46 34.87 -20.84
CA ASP D 95 8.92 35.98 -21.74
C ASP D 95 9.32 35.38 -23.06
N HIS D 96 10.00 34.24 -23.06
CA HIS D 96 10.34 33.60 -24.36
C HIS D 96 9.18 33.14 -25.16
N VAL D 97 8.19 32.54 -24.50
CA VAL D 97 6.99 32.13 -25.22
C VAL D 97 6.28 33.35 -25.82
N ASP D 98 6.26 34.45 -25.07
CA ASP D 98 5.76 35.73 -25.62
C ASP D 98 4.34 35.59 -26.13
N ARG D 99 3.50 34.95 -25.31
CA ARG D 99 2.11 34.72 -25.64
C ARG D 99 1.81 33.93 -26.91
N ARG D 100 2.76 33.23 -27.50
CA ARG D 100 2.41 32.41 -28.70
C ARG D 100 1.44 31.23 -28.38
N VAL D 101 1.55 30.65 -27.20
CA VAL D 101 0.61 29.62 -26.75
C VAL D 101 0.39 29.88 -25.25
N PRO D 102 -0.70 29.34 -24.67
CA PRO D 102 -0.90 29.44 -23.24
C PRO D 102 0.19 28.84 -22.40
N VAL D 103 0.55 29.54 -21.32
CA VAL D 103 1.65 29.09 -20.45
C VAL D 103 1.11 28.80 -19.05
N LEU D 104 1.44 27.59 -18.57
CA LEU D 104 1.21 27.14 -17.23
C LEU D 104 2.51 27.08 -16.49
N ILE D 105 2.49 27.52 -15.26
CA ILE D 105 3.62 27.39 -14.34
C ILE D 105 3.25 26.50 -13.14
N GLY D 106 4.10 25.50 -12.87
CA GLY D 106 3.99 24.69 -11.66
C GLY D 106 4.52 25.36 -10.42
N THR D 107 3.66 25.61 -9.43
CA THR D 107 4.04 26.49 -8.32
C THR D 107 3.96 25.80 -6.97
N GLY D 108 3.76 24.49 -7.00
CA GLY D 108 3.53 23.72 -5.77
C GLY D 108 4.74 23.19 -5.09
N GLY D 109 4.47 22.52 -3.97
CA GLY D 109 5.52 22.07 -3.04
C GLY D 109 4.87 21.73 -1.74
N THR D 110 5.68 21.74 -0.68
CA THR D 110 5.21 21.52 0.67
C THR D 110 5.06 22.81 1.47
N ASN D 111 5.87 23.81 1.10
CA ASN D 111 5.83 25.13 1.78
C ASN D 111 4.71 25.97 1.16
N ALA D 112 3.59 26.02 1.86
CA ALA D 112 2.39 26.66 1.32
C ALA D 112 2.55 28.17 1.14
N ARG D 113 3.29 28.82 2.05
CA ARG D 113 3.57 30.25 1.88
C ARG D 113 4.35 30.48 0.60
N GLU D 114 5.27 29.56 0.33
CA GLU D 114 5.97 29.61 -0.95
C GLU D 114 5.12 29.31 -2.17
N THR D 115 4.17 28.40 -2.05
CA THR D 115 3.28 28.19 -3.15
C THR D 115 2.61 29.51 -3.52
N ILE D 116 2.13 30.24 -2.50
CA ILE D 116 1.43 31.50 -2.80
C ILE D 116 2.36 32.53 -3.46
N GLU D 117 3.53 32.63 -2.92
CA GLU D 117 4.51 33.53 -3.49
C GLU D 117 4.85 33.21 -4.95
N LEU D 118 5.06 31.95 -5.25
CA LEU D 118 5.39 31.55 -6.60
C LEU D 118 4.23 31.73 -7.52
N SER D 119 3.02 31.47 -7.00
CA SER D 119 1.81 31.64 -7.80
C SER D 119 1.54 33.13 -8.14
N GLN D 120 1.72 34.00 -7.15
CA GLN D 120 1.54 35.45 -7.38
C GLN D 120 2.63 35.96 -8.31
N HIS D 121 3.82 35.41 -8.17
CA HIS D 121 4.92 35.78 -9.05
C HIS D 121 4.59 35.39 -10.47
N ALA D 122 4.05 34.17 -10.64
CA ALA D 122 3.66 33.72 -11.95
C ALA D 122 2.61 34.61 -12.61
N GLN D 123 1.62 35.00 -11.84
CA GLN D 123 0.61 35.91 -12.37
C GLN D 123 1.27 37.26 -12.72
N GLN D 124 2.10 37.81 -11.85
CA GLN D 124 2.82 39.10 -12.17
C GLN D 124 3.72 39.03 -13.36
N ALA D 125 4.38 37.90 -13.54
CA ALA D 125 5.26 37.71 -14.69
C ALA D 125 4.49 37.50 -15.99
N GLY D 126 3.19 37.24 -15.96
CA GLY D 126 2.47 37.05 -17.21
C GLY D 126 2.05 35.64 -17.57
N ALA D 127 2.13 34.69 -16.63
CA ALA D 127 1.62 33.30 -16.89
C ALA D 127 0.13 33.31 -17.22
N ASP D 128 -0.35 32.32 -17.96
CA ASP D 128 -1.80 32.16 -18.18
C ASP D 128 -2.49 31.30 -17.13
N GLY D 129 -1.74 30.46 -16.41
CA GLY D 129 -2.34 29.65 -15.34
C GLY D 129 -1.25 29.03 -14.53
N ILE D 130 -1.65 28.44 -13.42
CA ILE D 130 -0.74 27.71 -12.55
C ILE D 130 -1.21 26.27 -12.32
N VAL D 131 -0.27 25.42 -11.94
CA VAL D 131 -0.57 24.00 -11.73
C VAL D 131 -0.08 23.66 -10.38
N VAL D 132 -0.97 23.17 -9.52
CA VAL D 132 -0.65 23.05 -8.12
C VAL D 132 -0.92 21.60 -7.66
N ILE D 133 0.15 20.94 -7.22
CA ILE D 133 0.07 19.62 -6.59
C ILE D 133 -0.34 19.73 -5.12
N ASN D 134 -0.83 18.62 -4.55
CA ASN D 134 -1.10 18.61 -3.13
C ASN D 134 0.23 18.48 -2.40
N PRO D 135 0.32 19.05 -1.17
CA PRO D 135 1.51 18.89 -0.37
C PRO D 135 1.84 17.40 -0.19
N TYR D 136 3.13 17.07 -0.33
CA TYR D 136 3.53 15.66 -0.54
C TYR D 136 4.53 15.15 0.48
N TYR D 137 4.70 15.90 1.56
CA TYR D 137 5.38 15.36 2.68
C TYR D 137 4.31 14.90 3.67
N TRP D 138 3.87 15.75 4.57
CA TRP D 138 2.63 15.47 5.34
C TRP D 138 1.50 15.27 4.32
N LYS D 139 0.69 14.27 4.55
CA LYS D 139 -0.56 14.08 3.77
C LYS D 139 -1.61 14.74 4.72
N VAL D 140 -1.92 15.98 4.43
CA VAL D 140 -2.71 16.74 5.38
C VAL D 140 -4.15 16.23 5.41
N SER D 141 -4.85 16.51 6.49
CA SER D 141 -6.29 16.22 6.59
C SER D 141 -7.07 16.80 5.43
N GLU D 142 -8.22 16.19 5.17
CA GLU D 142 -9.05 16.70 4.13
C GLU D 142 -9.41 18.20 4.33
N ALA D 143 -9.74 18.59 5.55
CA ALA D 143 -10.09 19.98 5.84
C ALA D 143 -8.89 20.91 5.49
N ASN D 144 -7.67 20.48 5.86
CA ASN D 144 -6.49 21.29 5.57
C ASN D 144 -6.19 21.33 4.09
N LEU D 145 -6.52 20.24 3.40
CA LEU D 145 -6.19 20.11 1.96
C LEU D 145 -7.07 21.02 1.12
N ILE D 146 -8.35 20.98 1.48
CA ILE D 146 -9.33 21.88 0.87
C ILE D 146 -8.96 23.34 1.13
N ARG D 147 -8.67 23.65 2.39
CA ARG D 147 -8.29 25.00 2.76
C ARG D 147 -7.05 25.44 1.96
N TYR D 148 -6.07 24.54 1.85
CA TYR D 148 -4.84 24.88 1.15
C TYR D 148 -5.16 25.29 -0.30
N PHE D 149 -5.91 24.45 -1.02
CA PHE D 149 -6.23 24.73 -2.37
C PHE D 149 -7.07 26.02 -2.47
N GLU D 150 -8.01 26.19 -1.56
CA GLU D 150 -8.83 27.42 -1.60
C GLU D 150 -7.92 28.66 -1.40
N GLN D 151 -6.98 28.59 -0.47
CA GLN D 151 -6.06 29.71 -0.26
C GLN D 151 -5.17 30.00 -1.45
N VAL D 152 -4.69 28.93 -2.06
CA VAL D 152 -3.87 29.16 -3.23
C VAL D 152 -4.72 29.77 -4.32
N ALA D 153 -5.91 29.22 -4.51
CA ALA D 153 -6.77 29.75 -5.59
C ALA D 153 -7.22 31.21 -5.33
N ASP D 154 -7.35 31.55 -4.07
CA ASP D 154 -7.67 32.90 -3.68
C ASP D 154 -6.53 33.89 -3.89
N SER D 155 -5.33 33.40 -4.06
CA SER D 155 -4.17 34.26 -4.07
C SER D 155 -3.89 34.80 -5.43
N VAL D 156 -4.53 34.28 -6.46
CA VAL D 156 -4.28 34.71 -7.80
C VAL D 156 -5.59 34.87 -8.51
N THR D 157 -5.62 35.67 -9.56
CA THR D 157 -6.85 35.60 -10.41
C THR D 157 -6.70 34.61 -11.55
N LEU D 158 -5.58 33.96 -11.66
CA LEU D 158 -5.36 33.05 -12.77
C LEU D 158 -6.17 31.76 -12.62
N PRO D 159 -6.48 31.13 -13.72
CA PRO D 159 -6.92 29.72 -13.64
C PRO D 159 -5.91 28.83 -12.92
N VAL D 160 -6.44 27.90 -12.14
CA VAL D 160 -5.65 26.93 -11.39
C VAL D 160 -6.02 25.54 -11.90
N MET D 161 -4.96 24.80 -12.27
CA MET D 161 -5.04 23.42 -12.56
C MET D 161 -4.49 22.65 -11.35
N LEU D 162 -5.23 21.67 -10.90
CA LEU D 162 -4.78 20.77 -9.89
C LEU D 162 -3.86 19.75 -10.51
N TYR D 163 -3.00 19.15 -9.69
CA TYR D 163 -2.02 18.15 -10.14
C TYR D 163 -2.15 16.97 -9.20
N ASN D 164 -2.65 15.83 -9.69
CA ASN D 164 -2.69 14.59 -8.92
C ASN D 164 -1.60 13.66 -9.39
N PHE D 165 -0.77 13.20 -8.47
CA PHE D 165 0.32 12.26 -8.79
C PHE D 165 0.51 11.36 -7.55
N PRO D 166 -0.50 10.50 -7.26
CA PRO D 166 -0.51 9.77 -6.03
C PRO D 166 0.66 8.81 -5.81
N ALA D 167 1.26 8.32 -6.89
CA ALA D 167 2.47 7.48 -6.75
C ALA D 167 3.58 8.26 -6.04
N LEU D 168 3.66 9.57 -6.28
CA LEU D 168 4.66 10.37 -5.61
C LEU D 168 4.15 11.09 -4.37
N THR D 169 2.90 11.54 -4.38
CA THR D 169 2.44 12.31 -3.23
C THR D 169 2.02 11.43 -2.06
N GLY D 170 1.62 10.19 -2.34
CA GLY D 170 1.03 9.32 -1.28
C GLY D 170 -0.36 9.81 -0.80
N GLN D 171 -1.00 10.67 -1.57
CA GLN D 171 -2.35 11.10 -1.23
C GLN D 171 -3.10 11.43 -2.49
N ASP D 172 -4.13 10.63 -2.77
CA ASP D 172 -4.89 10.80 -4.03
C ASP D 172 -5.83 11.99 -3.96
N LEU D 173 -5.96 12.72 -5.03
CA LEU D 173 -7.01 13.73 -5.21
C LEU D 173 -8.16 13.00 -5.85
N THR D 174 -9.13 12.62 -5.05
CA THR D 174 -10.19 11.73 -5.52
C THR D 174 -11.14 12.54 -6.37
N PRO D 175 -11.84 11.89 -7.31
CA PRO D 175 -12.83 12.66 -8.05
C PRO D 175 -13.80 13.49 -7.16
N ALA D 176 -14.23 12.92 -6.02
CA ALA D 176 -15.14 13.62 -5.12
C ALA D 176 -14.51 14.90 -4.57
N LEU D 177 -13.26 14.78 -4.16
CA LEU D 177 -12.54 15.90 -3.60
C LEU D 177 -12.37 17.02 -4.67
N VAL D 178 -12.00 16.63 -5.88
CA VAL D 178 -11.79 17.53 -6.97
C VAL D 178 -13.11 18.26 -7.27
N LYS D 179 -14.20 17.53 -7.31
CA LYS D 179 -15.50 18.17 -7.50
C LYS D 179 -15.86 19.23 -6.41
N THR D 180 -15.59 18.89 -5.15
CA THR D 180 -15.72 19.79 -4.04
C THR D 180 -14.88 21.05 -4.28
N LEU D 181 -13.64 20.89 -4.76
CA LEU D 181 -12.77 22.03 -5.03
C LEU D 181 -13.33 22.88 -6.16
N ALA D 182 -13.75 22.25 -7.26
CA ALA D 182 -14.36 22.97 -8.35
C ALA D 182 -15.64 23.69 -7.92
N ASP D 183 -16.42 23.07 -7.08
CA ASP D 183 -17.65 23.70 -6.56
C ASP D 183 -17.25 24.95 -5.71
N SER D 184 -16.09 24.91 -5.04
CA SER D 184 -15.76 25.96 -4.08
C SER D 184 -15.14 27.18 -4.71
N ARG D 185 -14.30 26.97 -5.70
CA ARG D 185 -13.61 28.09 -6.35
C ARG D 185 -13.70 28.05 -7.85
N SER D 186 -14.19 29.13 -8.46
CA SER D 186 -14.49 29.10 -9.85
C SER D 186 -13.26 29.20 -10.66
N ASN D 187 -12.13 29.52 -10.07
CA ASN D 187 -10.90 29.47 -10.84
C ASN D 187 -10.13 28.11 -10.75
N ILE D 188 -10.66 27.15 -10.05
CA ILE D 188 -10.09 25.81 -10.05
C ILE D 188 -10.77 25.09 -11.21
N ILE D 189 -10.07 24.97 -12.32
CA ILE D 189 -10.75 24.68 -13.58
C ILE D 189 -10.24 23.44 -14.32
N GLY D 190 -9.34 22.71 -13.72
CA GLY D 190 -8.88 21.46 -14.37
C GLY D 190 -7.93 20.69 -13.52
N ILE D 191 -7.51 19.53 -14.07
CA ILE D 191 -6.59 18.66 -13.38
C ILE D 191 -5.67 17.92 -14.34
N LYS D 192 -4.43 17.73 -13.91
CA LYS D 192 -3.49 16.82 -14.56
C LYS D 192 -3.53 15.55 -13.67
N ASP D 193 -4.14 14.52 -14.20
CA ASP D 193 -4.37 13.32 -13.41
C ASP D 193 -3.35 12.30 -13.83
N THR D 194 -2.34 12.13 -12.98
CA THR D 194 -1.17 11.39 -13.33
C THR D 194 -1.20 10.08 -12.60
N ILE D 195 -1.77 9.10 -13.28
CA ILE D 195 -2.04 7.83 -12.68
C ILE D 195 -2.28 6.81 -13.80
N ASP D 196 -1.76 5.59 -13.62
CA ASP D 196 -1.94 4.54 -14.65
C ASP D 196 -3.20 3.84 -14.19
N SER D 197 -4.33 4.48 -14.47
CA SER D 197 -5.63 3.95 -14.05
C SER D 197 -6.72 4.49 -14.97
N VAL D 198 -7.31 3.58 -15.73
CA VAL D 198 -8.46 3.98 -16.54
C VAL D 198 -9.64 4.34 -15.60
N ALA D 199 -9.83 3.58 -14.50
CA ALA D 199 -10.96 3.83 -13.60
C ALA D 199 -10.88 5.32 -13.05
N HIS D 200 -9.66 5.72 -12.66
CA HIS D 200 -9.49 7.04 -12.05
C HIS D 200 -9.81 8.15 -13.03
N LEU D 201 -9.33 8.02 -14.29
CA LEU D 201 -9.62 8.98 -15.35
C LEU D 201 -11.11 8.99 -15.67
N ARG D 202 -11.70 7.80 -15.79
CA ARG D 202 -13.14 7.68 -16.03
C ARG D 202 -13.96 8.38 -14.95
N SER D 203 -13.67 8.06 -13.68
CA SER D 203 -14.43 8.60 -12.58
C SER D 203 -14.21 10.14 -12.41
N MET D 204 -12.98 10.61 -12.65
CA MET D 204 -12.65 12.03 -12.62
C MET D 204 -13.55 12.74 -13.63
N ILE D 205 -13.60 12.20 -14.85
CA ILE D 205 -14.40 12.78 -15.88
C ILE D 205 -15.90 12.76 -15.50
N HIS D 206 -16.44 11.59 -15.14
CA HIS D 206 -17.88 11.50 -14.81
C HIS D 206 -18.27 12.40 -13.61
N THR D 207 -17.48 12.36 -12.58
CA THR D 207 -17.83 13.08 -11.37
C THR D 207 -17.65 14.58 -11.57
N VAL D 208 -16.48 15.00 -12.04
CA VAL D 208 -16.19 16.42 -12.02
C VAL D 208 -16.82 17.06 -13.27
N LYS D 209 -16.64 16.43 -14.44
CA LYS D 209 -17.19 17.03 -15.65
C LYS D 209 -18.68 16.92 -15.70
N GLY D 210 -19.23 15.90 -15.06
CA GLY D 210 -20.68 15.76 -14.91
C GLY D 210 -21.25 16.93 -14.15
N ALA D 211 -20.54 17.45 -13.14
CA ALA D 211 -21.01 18.70 -12.49
C ALA D 211 -20.55 19.98 -13.16
N HIS D 212 -19.38 19.95 -13.83
CA HIS D 212 -18.75 21.15 -14.39
C HIS D 212 -18.29 20.78 -15.77
N PRO D 213 -19.17 20.91 -16.79
CA PRO D 213 -18.83 20.32 -18.12
C PRO D 213 -17.63 20.91 -18.73
N HIS D 214 -17.25 22.12 -18.34
CA HIS D 214 -16.03 22.72 -18.89
C HIS D 214 -14.77 22.58 -18.05
N PHE D 215 -14.82 21.81 -16.97
CA PHE D 215 -13.64 21.49 -16.19
C PHE D 215 -12.73 20.59 -17.02
N THR D 216 -11.45 20.87 -17.04
CA THR D 216 -10.55 20.21 -17.96
C THR D 216 -9.90 18.99 -17.27
N VAL D 217 -9.96 17.83 -17.94
CA VAL D 217 -9.26 16.62 -17.44
C VAL D 217 -8.19 16.20 -18.46
N LEU D 218 -6.93 16.38 -18.05
CA LEU D 218 -5.76 15.98 -18.84
C LEU D 218 -5.10 14.79 -18.12
N CYS D 219 -4.74 13.75 -18.85
CA CYS D 219 -4.01 12.64 -18.24
C CYS D 219 -2.55 13.03 -18.19
N GLY D 220 -1.82 12.42 -17.29
CA GLY D 220 -0.39 12.74 -17.13
C GLY D 220 0.52 11.70 -17.76
N TYR D 221 -0.07 10.65 -18.32
CA TYR D 221 0.73 9.56 -19.01
C TYR D 221 0.35 9.41 -20.44
N ASP D 222 1.36 9.23 -21.24
CA ASP D 222 1.29 9.20 -22.69
C ASP D 222 0.31 8.11 -23.14
N ASP D 223 0.35 6.99 -22.42
CA ASP D 223 -0.41 5.85 -22.89
C ASP D 223 -1.88 5.93 -22.46
N HIS D 224 -2.30 7.04 -21.87
CA HIS D 224 -3.69 7.24 -21.51
C HIS D 224 -4.41 8.35 -22.34
N LEU D 225 -3.67 9.00 -23.24
CA LEU D 225 -4.26 10.10 -24.07
C LEU D 225 -5.45 9.63 -24.81
N PHE D 226 -5.34 8.53 -25.52
CA PHE D 226 -6.40 8.07 -26.42
C PHE D 226 -7.63 7.72 -25.59
N ASN D 227 -7.41 6.99 -24.48
CA ASN D 227 -8.52 6.62 -23.63
C ASN D 227 -9.15 7.85 -23.00
N THR D 228 -8.31 8.80 -22.61
CA THR D 228 -8.81 10.03 -22.02
C THR D 228 -9.79 10.73 -23.00
N LEU D 229 -9.41 10.83 -24.27
CA LEU D 229 -10.28 11.45 -25.25
C LEU D 229 -11.56 10.65 -25.40
N LEU D 230 -11.44 9.33 -25.53
CA LEU D 230 -12.62 8.50 -25.73
C LEU D 230 -13.58 8.53 -24.53
N LEU D 231 -13.02 8.75 -23.35
CA LEU D 231 -13.78 8.85 -22.10
C LEU D 231 -14.47 10.22 -21.94
N GLY D 232 -14.21 11.18 -22.83
CA GLY D 232 -14.77 12.50 -22.67
C GLY D 232 -13.88 13.53 -21.97
N GLY D 233 -12.61 13.20 -21.81
CA GLY D 233 -11.63 14.13 -21.32
C GLY D 233 -10.97 14.95 -22.40
N ASP D 234 -9.90 15.67 -22.06
CA ASP D 234 -9.50 16.84 -22.83
C ASP D 234 -8.11 16.84 -23.45
N GLY D 235 -7.29 15.88 -23.06
CA GLY D 235 -5.90 15.92 -23.51
C GLY D 235 -4.94 15.31 -22.54
N ALA D 236 -3.68 15.72 -22.70
CA ALA D 236 -2.55 15.24 -21.94
C ALA D 236 -1.47 16.23 -21.72
N ILE D 237 -0.86 16.07 -20.55
CA ILE D 237 0.42 16.66 -20.18
C ILE D 237 1.30 15.45 -19.88
N SER D 238 2.10 15.04 -20.86
CA SER D 238 2.93 13.84 -20.70
C SER D 238 4.30 14.04 -21.28
N ALA D 239 5.27 13.36 -20.70
CA ALA D 239 6.69 13.67 -20.95
C ALA D 239 7.12 13.56 -22.43
N SER D 240 6.46 12.70 -23.19
CA SER D 240 6.82 12.50 -24.63
C SER D 240 6.52 13.74 -25.50
N GLY D 241 5.70 14.60 -24.96
CA GLY D 241 5.57 15.93 -25.49
C GLY D 241 6.89 16.67 -25.74
N ASN D 242 7.89 16.42 -24.91
CA ASN D 242 9.19 17.03 -25.12
C ASN D 242 9.94 16.56 -26.38
N PHE D 243 9.87 15.26 -26.68
CA PHE D 243 10.76 14.70 -27.71
C PHE D 243 10.04 14.17 -28.90
N ALA D 244 8.76 13.92 -28.75
CA ALA D 244 7.94 13.46 -29.84
C ALA D 244 6.57 14.11 -29.80
N PRO D 245 6.55 15.44 -29.79
CA PRO D 245 5.23 16.07 -29.67
C PRO D 245 4.24 15.74 -30.79
N GLN D 246 4.80 15.55 -31.98
CA GLN D 246 4.02 15.30 -33.15
C GLN D 246 3.09 14.11 -32.96
N VAL D 247 3.50 13.14 -32.15
CA VAL D 247 2.68 11.93 -32.01
C VAL D 247 1.39 12.31 -31.34
N SER D 248 1.48 13.05 -30.23
CA SER D 248 0.26 13.44 -29.51
C SER D 248 -0.55 14.51 -30.26
N VAL D 249 0.15 15.49 -30.84
CA VAL D 249 -0.54 16.52 -31.66
C VAL D 249 -1.33 15.84 -32.77
N ASN D 250 -0.72 14.88 -33.46
CA ASN D 250 -1.39 14.25 -34.60
C ASN D 250 -2.53 13.37 -34.15
N LEU D 251 -2.34 12.71 -33.02
CA LEU D 251 -3.42 11.92 -32.45
C LEU D 251 -4.62 12.82 -32.21
N LEU D 252 -4.38 13.94 -31.50
CA LEU D 252 -5.48 14.84 -31.17
C LEU D 252 -6.16 15.41 -32.42
N LYS D 253 -5.36 15.83 -33.38
CA LYS D 253 -5.91 16.29 -34.66
C LYS D 253 -6.76 15.22 -35.37
N ALA D 254 -6.24 14.02 -35.47
CA ALA D 254 -7.03 12.93 -36.09
C ALA D 254 -8.31 12.66 -35.38
N TRP D 255 -8.24 12.64 -34.05
CA TRP D 255 -9.43 12.46 -33.26
C TRP D 255 -10.43 13.58 -33.54
N ARG D 256 -9.98 14.82 -33.48
CA ARG D 256 -10.88 15.96 -33.74
C ARG D 256 -11.44 15.91 -35.20
N ASP D 257 -10.68 15.39 -36.14
CA ASP D 257 -11.17 15.30 -37.54
C ASP D 257 -12.10 14.11 -37.72
N GLY D 258 -12.27 13.28 -36.69
CA GLY D 258 -13.05 12.04 -36.86
C GLY D 258 -12.31 10.89 -37.51
N ASP D 259 -10.98 10.98 -37.67
CA ASP D 259 -10.26 9.88 -38.20
C ASP D 259 -9.72 9.02 -37.05
N VAL D 260 -10.63 8.20 -36.50
CA VAL D 260 -10.32 7.36 -35.36
C VAL D 260 -9.23 6.34 -35.62
N ALA D 261 -9.20 5.80 -36.83
CA ALA D 261 -8.19 4.80 -37.17
C ALA D 261 -6.83 5.43 -37.12
N LYS D 262 -6.72 6.65 -37.66
CA LYS D 262 -5.44 7.31 -37.63
C LYS D 262 -4.99 7.63 -36.21
N ALA D 263 -5.92 8.13 -35.41
CA ALA D 263 -5.67 8.39 -33.96
C ALA D 263 -5.18 7.12 -33.21
N ALA D 264 -5.83 5.98 -33.50
CA ALA D 264 -5.45 4.70 -32.94
C ALA D 264 -4.04 4.28 -33.35
N GLY D 265 -3.64 4.65 -34.56
CA GLY D 265 -2.26 4.45 -35.03
C GLY D 265 -1.24 5.17 -34.19
N TYR D 266 -1.48 6.46 -33.96
CA TYR D 266 -0.64 7.23 -33.03
C TYR D 266 -0.65 6.67 -31.62
N HIS D 267 -1.82 6.24 -31.16
CA HIS D 267 -1.93 5.63 -29.86
C HIS D 267 -1.05 4.38 -29.71
N GLN D 268 -0.94 3.59 -30.77
CA GLN D 268 -0.10 2.39 -30.69
C GLN D 268 1.32 2.74 -30.35
N THR D 269 1.78 3.87 -30.88
CA THR D 269 3.07 4.40 -30.53
C THR D 269 3.17 4.89 -29.07
N LEU D 270 2.20 5.71 -28.66
CA LEU D 270 2.15 6.19 -27.29
C LEU D 270 2.03 5.05 -26.24
N LEU D 271 1.38 3.94 -26.60
CA LEU D 271 1.32 2.77 -25.73
C LEU D 271 2.71 2.24 -25.36
N GLN D 272 3.65 2.38 -26.29
CA GLN D 272 4.99 1.79 -26.13
C GLN D 272 5.96 2.72 -25.50
N ILE D 273 5.73 4.02 -25.65
CA ILE D 273 6.76 5.00 -25.22
C ILE D 273 7.13 4.90 -23.74
N PRO D 274 6.14 4.63 -22.84
CA PRO D 274 6.50 4.66 -21.41
C PRO D 274 7.46 3.59 -20.93
N GLN D 275 7.83 2.64 -21.76
CA GLN D 275 8.93 1.72 -21.42
C GLN D 275 10.18 2.48 -21.06
N MET D 276 10.43 3.57 -21.78
CA MET D 276 11.64 4.36 -21.59
C MET D 276 11.78 4.93 -20.20
N TYR D 277 10.67 5.23 -19.57
CA TYR D 277 10.73 5.83 -18.27
C TYR D 277 11.21 4.86 -17.19
N GLN D 278 11.26 3.56 -17.48
CA GLN D 278 11.81 2.62 -16.50
C GLN D 278 13.34 2.67 -16.48
N LEU D 279 13.98 3.38 -17.41
CA LEU D 279 15.43 3.37 -17.47
C LEU D 279 16.10 4.00 -16.24
N ASP D 280 15.41 4.90 -15.55
CA ASP D 280 15.96 5.49 -14.37
C ASP D 280 14.86 6.12 -13.57
N THR D 281 15.14 6.38 -12.32
CA THR D 281 14.22 7.10 -11.44
C THR D 281 15.03 8.03 -10.58
N PRO D 282 14.83 9.36 -10.72
CA PRO D 282 13.88 10.03 -11.60
C PRO D 282 14.30 9.87 -13.05
N PHE D 283 13.33 9.95 -13.93
CA PHE D 283 13.63 9.74 -15.34
C PHE D 283 13.71 11.04 -16.14
N VAL D 284 13.85 12.15 -15.45
CA VAL D 284 14.12 13.43 -16.09
C VAL D 284 15.37 13.43 -17.00
N ASN D 285 16.37 12.64 -16.64
CA ASN D 285 17.54 12.40 -17.50
C ASN D 285 17.16 11.71 -18.83
N VAL D 286 16.30 10.72 -18.75
CA VAL D 286 15.84 10.00 -19.93
C VAL D 286 15.16 10.93 -20.87
N ILE D 287 14.29 11.79 -20.35
CA ILE D 287 13.57 12.68 -21.24
C ILE D 287 14.51 13.60 -21.99
N LYS D 288 15.49 14.16 -21.30
CA LYS D 288 16.45 15.06 -21.99
C LYS D 288 17.32 14.32 -23.00
N GLU D 289 17.71 13.09 -22.65
CA GLU D 289 18.49 12.27 -23.62
C GLU D 289 17.66 11.96 -24.84
N ALA D 290 16.34 11.83 -24.67
CA ALA D 290 15.46 11.59 -25.81
C ALA D 290 15.31 12.83 -26.70
N ILE D 291 15.25 14.01 -26.06
CA ILE D 291 15.24 15.28 -26.83
C ILE D 291 16.45 15.33 -27.77
N VAL D 292 17.63 15.01 -27.25
CA VAL D 292 18.87 14.97 -28.01
C VAL D 292 18.81 13.97 -29.16
N LEU D 293 18.42 12.76 -28.84
CA LEU D 293 18.31 11.68 -29.82
C LEU D 293 17.32 11.99 -30.90
N CYS D 294 16.27 12.72 -30.57
CA CYS D 294 15.26 13.01 -31.56
C CYS D 294 15.57 14.31 -32.32
N GLY D 295 16.75 14.89 -32.12
CA GLY D 295 17.24 15.87 -33.04
C GLY D 295 17.45 17.28 -32.52
N ARG D 296 17.24 17.51 -31.24
CA ARG D 296 17.55 18.82 -30.61
C ARG D 296 18.72 18.72 -29.61
N PRO D 297 19.92 19.20 -30.00
CA PRO D 297 21.11 19.01 -29.13
C PRO D 297 21.19 20.00 -27.95
N VAL D 298 20.70 19.62 -26.80
CA VAL D 298 20.69 20.46 -25.59
C VAL D 298 21.59 19.73 -24.63
N SER D 299 22.12 20.43 -23.67
CA SER D 299 22.72 19.87 -22.51
C SER D 299 21.67 19.03 -21.76
N THR D 300 22.07 17.83 -21.38
CA THR D 300 21.19 16.93 -20.66
C THR D 300 21.42 16.96 -19.19
N HIS D 301 22.21 17.91 -18.69
CA HIS D 301 22.42 18.00 -17.26
C HIS D 301 21.07 17.97 -16.49
N VAL D 302 21.09 17.23 -15.38
CA VAL D 302 19.94 17.18 -14.45
C VAL D 302 20.40 17.53 -13.07
N LEU D 303 19.47 17.96 -12.25
CA LEU D 303 19.79 18.32 -10.86
C LEU D 303 19.73 17.14 -9.91
N PRO D 304 20.64 17.10 -8.96
CA PRO D 304 20.58 16.07 -7.96
C PRO D 304 19.27 16.19 -7.12
N PRO D 305 18.71 15.03 -6.72
CA PRO D 305 19.33 13.68 -6.72
C PRO D 305 19.12 12.82 -7.96
N ALA D 306 18.67 13.44 -9.08
CA ALA D 306 18.82 12.80 -10.38
C ALA D 306 20.27 12.79 -10.78
N SER D 307 20.60 11.96 -11.78
CA SER D 307 22.00 11.81 -12.19
C SER D 307 22.06 11.49 -13.65
N PRO D 308 23.25 11.63 -14.28
CA PRO D 308 23.34 11.42 -15.76
C PRO D 308 22.97 9.98 -16.14
N LEU D 309 22.28 9.79 -17.23
CA LEU D 309 22.00 8.46 -17.66
C LEU D 309 23.33 7.80 -18.15
N ASP D 310 23.56 6.56 -17.84
CA ASP D 310 24.78 5.88 -18.30
C ASP D 310 24.72 5.54 -19.80
N GLU D 311 25.87 5.27 -20.42
CA GLU D 311 25.86 5.03 -21.89
C GLU D 311 25.08 3.84 -22.32
N PRO D 312 25.12 2.73 -21.54
CA PRO D 312 24.34 1.59 -21.97
C PRO D 312 22.84 1.92 -22.03
N ARG D 313 22.33 2.58 -20.99
CA ARG D 313 20.97 2.93 -21.01
C ARG D 313 20.61 3.99 -22.07
N LYS D 314 21.54 4.88 -22.40
CA LYS D 314 21.33 5.82 -23.52
C LYS D 314 21.16 5.05 -24.82
N ALA D 315 21.98 4.00 -25.04
CA ALA D 315 21.82 3.19 -26.23
C ALA D 315 20.44 2.46 -26.23
N GLN D 316 20.03 1.94 -25.09
CA GLN D 316 18.74 1.28 -24.96
C GLN D 316 17.59 2.24 -25.32
N LEU D 317 17.70 3.45 -24.79
CA LEU D 317 16.72 4.48 -25.15
C LEU D 317 16.74 4.70 -26.67
N LYS D 318 17.93 4.82 -27.25
CA LYS D 318 18.05 5.03 -28.66
C LYS D 318 17.37 3.92 -29.45
N THR D 319 17.57 2.66 -29.05
CA THR D 319 16.96 1.51 -29.75
C THR D 319 15.44 1.53 -29.61
N LEU D 320 14.94 1.95 -28.47
CA LEU D 320 13.50 2.10 -28.32
C LEU D 320 12.93 3.16 -29.29
N LEU D 321 13.56 4.31 -29.34
CA LEU D 321 13.10 5.38 -30.21
C LEU D 321 13.17 4.96 -31.69
N GLN D 322 14.24 4.24 -32.03
CA GLN D 322 14.39 3.74 -33.39
C GLN D 322 13.30 2.75 -33.70
N GLN D 323 13.03 1.81 -32.80
CA GLN D 323 11.91 0.87 -33.06
C GLN D 323 10.57 1.53 -33.21
N LEU D 324 10.34 2.66 -32.57
CA LEU D 324 9.04 3.32 -32.69
C LEU D 324 9.07 4.34 -33.80
N LYS D 325 10.20 4.41 -34.51
CA LYS D 325 10.36 5.36 -35.63
C LYS D 325 10.29 6.81 -35.25
N LEU D 326 10.85 7.17 -34.10
CA LEU D 326 10.86 8.55 -33.62
C LEU D 326 12.23 9.25 -33.72
N CYS D 327 13.24 8.52 -34.17
CA CYS D 327 14.55 9.12 -34.53
C CYS D 327 15.34 8.25 -35.49
#